data_2TYS
#
_entry.id   2TYS
#
_cell.length_a   185.800
_cell.length_b   62.300
_cell.length_c   67.800
_cell.angle_alpha   90.00
_cell.angle_beta   94.10
_cell.angle_gamma   90.00
#
_symmetry.space_group_name_H-M   'C 1 2 1'
#
loop_
_entity.id
_entity.type
_entity.pdbx_description
1 polymer 'TRYPTOPHAN SYNTHASE'
2 polymer 'TRYPTOPHAN SYNTHASE'
3 non-polymer 'SODIUM ION'
4 non-polymer [3-HYDROXY-2-METHYL-5-PHOSPHONOOXYMETHYL-PYRIDIN-4-YLMETHYL]-L-TRYPTOPHANE
5 water water
#
loop_
_entity_poly.entity_id
_entity_poly.type
_entity_poly.pdbx_seq_one_letter_code
_entity_poly.pdbx_strand_id
1 'polypeptide(L)'
;MERYENLFAQLNDRREGAFVPFVTLGDPGIEQSLKIIDTLIDAGADALELGVPFSDPLADGPTIQNANLRAFAAGVTPAQ
CFEMLALIREKHPTIPIGLLMYANLVFNNGIDAFYARCEQVGVDSVLVADVPVEESAPFRQAALRHNIAPIFICPPNADD
DLLRQVASYGRGYTYLLSRSGVTGAENRGALPLHHLIEKLKEYHAAPALQGFGISSPEQVSAAVRAGAAGAISGSAIVKI
IEKNLASPKQMLAELRSFVSAMKAASRA
;
A
2 'polypeptide(L)'
;MTTLLNPYFGEFGGMYVPQILMPALNQLEEAFVRAQKDPEFQAQFADLLKNYAGRPTALTKCQNITAGTRTTLYLKREDL
LHGGAHTTNQVLGQALLAKRMGKSEIIAETGAGQHGVASALASALLGLKCRIYMGAKDVERQSPNVFRMRLMGAEVIPVH
SGSATLKDACNEALRDWSGSYETAHYMLGTAAGPHPYPTIVREFQRMIGEETKAQILDKEGRLPDAVIACVGGGSNAIGM
FADFINDTSVGLIGVEPGGHGIETGEHGAPLKHGRVGIYFGMKAPMMQTADGQIEESYSISAGLDFPSVGPQHAYLNSIG
RADYVSITDDEALEAFKTLCRHEGIIPALESSHALAHALKMMREQPEKEQLLVVNLSGRGDKDIFTVHDILKARGEI
;
B
#
loop_
_chem_comp.id
_chem_comp.type
_chem_comp.name
_chem_comp.formula
NA non-polymer 'SODIUM ION' 'Na 1'
PLT non-polymer [3-HYDROXY-2-METHYL-5-PHOSPHONOOXYMETHYL-PYRIDIN-4-YLMETHYL]-L-TRYPTOPHANE 'C19 H20 N3 O7 P'
#
# COMPACT_ATOMS: atom_id res chain seq x y z
N MET A 1 -19.90 -23.34 -6.79
CA MET A 1 -21.09 -22.48 -6.86
C MET A 1 -22.31 -23.23 -6.33
N GLU A 2 -22.56 -24.36 -6.95
CA GLU A 2 -23.67 -25.25 -6.66
C GLU A 2 -23.88 -25.57 -5.20
N ARG A 3 -22.80 -25.79 -4.46
CA ARG A 3 -22.88 -26.11 -3.03
C ARG A 3 -23.59 -24.99 -2.26
N TYR A 4 -23.45 -23.76 -2.74
CA TYR A 4 -24.08 -22.61 -2.10
C TYR A 4 -25.59 -22.63 -2.34
N GLU A 5 -25.94 -22.90 -3.58
CA GLU A 5 -27.35 -23.00 -4.00
C GLU A 5 -28.08 -24.05 -3.19
N ASN A 6 -27.45 -25.20 -3.08
CA ASN A 6 -28.02 -26.35 -2.35
C ASN A 6 -28.26 -25.95 -0.89
N LEU A 7 -27.28 -25.23 -0.34
CA LEU A 7 -27.37 -24.78 1.05
C LEU A 7 -28.55 -23.85 1.28
N PHE A 8 -28.59 -22.81 0.49
CA PHE A 8 -29.64 -21.77 0.60
C PHE A 8 -31.02 -22.37 0.31
N ALA A 9 -31.03 -23.36 -0.57
CA ALA A 9 -32.26 -24.07 -0.94
C ALA A 9 -32.83 -24.78 0.29
N GLN A 10 -31.98 -25.58 0.90
CA GLN A 10 -32.34 -26.36 2.09
C GLN A 10 -32.56 -25.49 3.31
N LEU A 11 -31.69 -24.52 3.51
CA LEU A 11 -31.80 -23.59 4.65
C LEU A 11 -33.20 -22.96 4.64
N ASN A 12 -33.58 -22.52 3.47
CA ASN A 12 -34.88 -21.85 3.25
C ASN A 12 -36.04 -22.75 3.68
N ASP A 13 -35.93 -24.02 3.34
CA ASP A 13 -36.93 -25.04 3.62
C ASP A 13 -37.16 -25.23 5.11
N ARG A 14 -36.22 -24.80 5.91
CA ARG A 14 -36.32 -24.91 7.37
C ARG A 14 -36.40 -23.52 7.99
N ARG A 15 -36.54 -22.55 7.10
CA ARG A 15 -36.64 -21.13 7.48
C ARG A 15 -35.48 -20.73 8.39
N GLU A 16 -34.36 -21.39 8.19
CA GLU A 16 -33.12 -21.18 8.92
C GLU A 16 -32.21 -20.19 8.18
N GLY A 17 -31.39 -19.53 8.98
CA GLY A 17 -30.39 -18.57 8.47
C GLY A 17 -29.05 -19.33 8.46
N ALA A 18 -28.13 -18.83 7.67
CA ALA A 18 -26.79 -19.44 7.55
C ALA A 18 -25.85 -18.82 8.58
N PHE A 19 -25.04 -19.68 9.18
CA PHE A 19 -24.01 -19.23 10.13
C PHE A 19 -22.64 -19.69 9.55
N VAL A 20 -21.87 -18.69 9.18
CA VAL A 20 -20.55 -18.89 8.58
C VAL A 20 -19.41 -18.26 9.38
N PRO A 21 -18.62 -19.11 10.00
CA PRO A 21 -17.45 -18.69 10.78
C PRO A 21 -16.23 -18.51 9.89
N PHE A 22 -15.41 -17.53 10.26
CA PHE A 22 -14.14 -17.25 9.57
C PHE A 22 -13.02 -17.80 10.46
N VAL A 23 -12.06 -18.41 9.80
CA VAL A 23 -10.87 -18.96 10.49
C VAL A 23 -9.69 -18.87 9.52
N THR A 24 -8.51 -18.66 10.08
CA THR A 24 -7.27 -18.59 9.28
C THR A 24 -6.69 -20.00 9.19
N LEU A 25 -6.45 -20.46 7.97
CA LEU A 25 -5.86 -21.81 7.80
C LEU A 25 -4.46 -21.86 8.40
N GLY A 26 -4.23 -22.84 9.26
CA GLY A 26 -2.95 -23.08 9.90
C GLY A 26 -2.73 -22.43 11.24
N ASP A 27 -3.74 -21.77 11.74
CA ASP A 27 -3.72 -21.08 13.04
C ASP A 27 -4.44 -21.96 14.08
N PRO A 28 -3.76 -22.33 15.14
CA PRO A 28 -2.38 -21.99 15.49
C PRO A 28 -1.34 -22.96 15.01
N GLY A 29 -1.75 -23.98 14.29
CA GLY A 29 -0.87 -25.02 13.73
C GLY A 29 -1.71 -25.79 12.70
N ILE A 30 -1.05 -26.56 11.86
CA ILE A 30 -1.74 -27.32 10.81
C ILE A 30 -2.79 -28.27 11.40
N GLU A 31 -2.29 -29.20 12.19
CA GLU A 31 -3.08 -30.23 12.82
C GLU A 31 -4.19 -29.67 13.69
N GLN A 32 -3.84 -28.70 14.53
CA GLN A 32 -4.83 -28.07 15.43
C GLN A 32 -5.88 -27.33 14.62
N SER A 33 -5.44 -26.76 13.51
CA SER A 33 -6.32 -26.01 12.60
C SER A 33 -7.41 -26.93 12.05
N LEU A 34 -6.96 -28.08 11.60
CA LEU A 34 -7.86 -29.11 11.04
C LEU A 34 -8.89 -29.53 12.08
N LYS A 35 -8.42 -29.68 13.29
CA LYS A 35 -9.22 -30.07 14.45
C LYS A 35 -10.32 -29.04 14.70
N ILE A 36 -9.90 -27.78 14.69
CA ILE A 36 -10.78 -26.64 14.90
C ILE A 36 -11.90 -26.63 13.87
N ILE A 37 -11.51 -26.79 12.62
CA ILE A 37 -12.45 -26.78 11.49
C ILE A 37 -13.49 -27.87 11.64
N ASP A 38 -13.05 -29.02 12.09
CA ASP A 38 -13.95 -30.18 12.28
C ASP A 38 -14.99 -29.81 13.36
N THR A 39 -14.52 -29.17 14.40
CA THR A 39 -15.35 -28.75 15.54
C THR A 39 -16.42 -27.75 15.12
N LEU A 40 -16.05 -26.79 14.30
CA LEU A 40 -16.98 -25.76 13.81
C LEU A 40 -18.12 -26.44 13.04
N ILE A 41 -17.73 -27.35 12.16
CA ILE A 41 -18.67 -28.09 11.33
C ILE A 41 -19.64 -28.90 12.20
N ASP A 42 -19.03 -29.58 13.16
CA ASP A 42 -19.76 -30.43 14.11
C ASP A 42 -20.72 -29.59 14.95
N ALA A 43 -20.23 -28.44 15.37
CA ALA A 43 -20.98 -27.50 16.21
C ALA A 43 -22.12 -26.86 15.46
N GLY A 44 -22.14 -26.98 14.13
CA GLY A 44 -23.20 -26.46 13.32
C GLY A 44 -22.94 -25.42 12.29
N ALA A 45 -21.69 -25.20 11.89
CA ALA A 45 -21.39 -24.19 10.83
C ALA A 45 -22.06 -24.65 9.55
N ASP A 46 -22.70 -23.72 8.86
CA ASP A 46 -23.39 -23.98 7.60
C ASP A 46 -22.43 -23.98 6.40
N ALA A 47 -21.43 -23.14 6.53
CA ALA A 47 -20.41 -22.98 5.46
C ALA A 47 -19.15 -22.45 6.14
N LEU A 48 -18.05 -22.44 5.40
CA LEU A 48 -16.78 -21.96 5.95
C LEU A 48 -16.17 -20.86 5.08
N GLU A 49 -15.54 -19.94 5.77
CA GLU A 49 -14.76 -18.84 5.16
C GLU A 49 -13.35 -19.00 5.79
N LEU A 50 -12.41 -19.34 4.94
CA LEU A 50 -11.03 -19.64 5.37
C LEU A 50 -10.04 -18.64 4.78
N GLY A 51 -9.14 -18.20 5.64
CA GLY A 51 -8.13 -17.21 5.22
C GLY A 51 -6.80 -17.91 4.95
N VAL A 52 -6.16 -17.44 3.91
CA VAL A 52 -4.79 -17.90 3.54
C VAL A 52 -3.84 -16.77 4.01
N PRO A 53 -2.95 -17.13 4.91
CA PRO A 53 -2.00 -16.16 5.47
C PRO A 53 -1.29 -15.36 4.38
N PHE A 54 -1.33 -14.05 4.55
CA PHE A 54 -0.67 -13.07 3.68
C PHE A 54 0.24 -12.20 4.57
N SER A 55 1.41 -11.89 4.04
CA SER A 55 2.41 -11.13 4.77
C SER A 55 1.94 -9.76 5.23
N ASP A 56 1.26 -9.02 4.39
CA ASP A 56 0.83 -7.64 4.68
C ASP A 56 -0.66 -7.44 4.49
N PRO A 57 -1.41 -7.91 5.48
CA PRO A 57 -2.88 -7.85 5.46
C PRO A 57 -3.37 -6.44 5.75
N LEU A 58 -3.35 -5.60 4.73
CA LEU A 58 -3.70 -4.19 4.85
C LEU A 58 -5.19 -3.93 5.02
N ALA A 59 -6.00 -4.95 4.99
CA ALA A 59 -7.46 -4.79 5.15
C ALA A 59 -7.95 -5.48 6.40
N ASP A 60 -7.02 -5.91 7.23
CA ASP A 60 -7.32 -6.65 8.46
C ASP A 60 -6.85 -5.93 9.71
N GLY A 61 -7.62 -6.18 10.75
CA GLY A 61 -7.39 -5.66 12.10
C GLY A 61 -6.40 -6.58 12.82
N PRO A 62 -6.05 -6.21 14.03
CA PRO A 62 -5.10 -6.91 14.85
C PRO A 62 -5.39 -8.36 15.11
N THR A 63 -6.66 -8.72 15.21
CA THR A 63 -7.05 -10.12 15.50
C THR A 63 -6.57 -11.03 14.37
N ILE A 64 -6.86 -10.63 13.15
CA ILE A 64 -6.49 -11.41 11.97
C ILE A 64 -4.99 -11.31 11.70
N GLN A 65 -4.41 -10.17 12.01
CA GLN A 65 -2.96 -9.95 11.84
C GLN A 65 -2.20 -10.98 12.69
N ASN A 66 -2.66 -11.11 13.92
CA ASN A 66 -2.08 -12.05 14.90
C ASN A 66 -2.21 -13.50 14.42
N ALA A 67 -3.39 -13.79 13.88
CA ALA A 67 -3.68 -15.14 13.36
C ALA A 67 -2.67 -15.51 12.28
N ASN A 68 -2.45 -14.57 11.37
CA ASN A 68 -1.51 -14.75 10.27
C ASN A 68 -0.11 -15.07 10.81
N LEU A 69 0.28 -14.32 11.83
CA LEU A 69 1.61 -14.48 12.45
C LEU A 69 1.78 -15.87 13.06
N ARG A 70 0.71 -16.34 13.68
CA ARG A 70 0.70 -17.66 14.31
C ARG A 70 0.88 -18.75 13.25
N ALA A 71 0.16 -18.58 12.15
CA ALA A 71 0.19 -19.52 11.03
C ALA A 71 1.59 -19.55 10.42
N PHE A 72 2.11 -18.36 10.18
CA PHE A 72 3.45 -18.18 9.57
C PHE A 72 4.49 -18.88 10.46
N ALA A 73 4.37 -18.64 11.75
CA ALA A 73 5.26 -19.25 12.75
C ALA A 73 5.18 -20.77 12.67
N ALA A 74 4.01 -21.27 12.33
CA ALA A 74 3.75 -22.71 12.20
C ALA A 74 4.24 -23.23 10.86
N GLY A 75 4.87 -22.36 10.10
CA GLY A 75 5.43 -22.65 8.79
C GLY A 75 4.45 -22.89 7.68
N VAL A 76 3.27 -22.29 7.80
CA VAL A 76 2.19 -22.41 6.81
C VAL A 76 2.48 -21.56 5.58
N THR A 77 2.27 -22.15 4.43
CA THR A 77 2.42 -21.53 3.11
C THR A 77 1.15 -21.79 2.31
N PRO A 78 1.00 -21.06 1.23
CA PRO A 78 -0.16 -21.19 0.35
C PRO A 78 -0.30 -22.61 -0.17
N ALA A 79 0.83 -23.28 -0.33
CA ALA A 79 0.86 -24.68 -0.81
C ALA A 79 0.24 -25.61 0.22
N GLN A 80 0.61 -25.37 1.47
CA GLN A 80 0.12 -26.15 2.61
C GLN A 80 -1.39 -25.97 2.79
N CYS A 81 -1.86 -24.76 2.52
CA CYS A 81 -3.27 -24.43 2.63
C CYS A 81 -4.10 -25.28 1.66
N PHE A 82 -3.58 -25.43 0.46
CA PHE A 82 -4.25 -26.21 -0.59
C PHE A 82 -4.27 -27.68 -0.22
N GLU A 83 -3.27 -28.10 0.50
CA GLU A 83 -3.14 -29.48 0.98
C GLU A 83 -4.21 -29.77 2.03
N MET A 84 -4.38 -28.79 2.91
CA MET A 84 -5.36 -28.81 3.99
C MET A 84 -6.78 -28.84 3.41
N LEU A 85 -7.01 -28.01 2.42
CA LEU A 85 -8.30 -27.86 1.77
C LEU A 85 -8.78 -29.20 1.17
N ALA A 86 -7.83 -29.95 0.66
CA ALA A 86 -8.07 -31.26 0.05
C ALA A 86 -8.55 -32.24 1.12
N LEU A 87 -7.86 -32.23 2.24
CA LEU A 87 -8.15 -33.07 3.39
C LEU A 87 -9.52 -32.75 3.98
N ILE A 88 -9.82 -31.47 4.01
CA ILE A 88 -11.10 -31.00 4.55
C ILE A 88 -12.25 -31.52 3.69
N ARG A 89 -12.14 -31.24 2.42
CA ARG A 89 -13.14 -31.61 1.41
C ARG A 89 -13.36 -33.12 1.36
N GLU A 90 -12.31 -33.86 1.65
CA GLU A 90 -12.34 -35.32 1.64
C GLU A 90 -13.27 -35.84 2.73
N LYS A 91 -13.27 -35.13 3.83
CA LYS A 91 -14.05 -35.45 5.03
C LYS A 91 -15.47 -34.90 5.02
N HIS A 92 -15.62 -33.73 4.44
CA HIS A 92 -16.87 -32.98 4.37
C HIS A 92 -17.19 -32.57 2.94
N PRO A 93 -17.90 -33.46 2.25
CA PRO A 93 -18.24 -33.30 0.86
C PRO A 93 -19.23 -32.25 0.45
N THR A 94 -20.17 -31.89 1.30
CA THR A 94 -21.23 -30.95 0.94
C THR A 94 -21.09 -29.55 1.47
N ILE A 95 -20.32 -29.35 2.51
CA ILE A 95 -20.14 -28.00 3.09
C ILE A 95 -19.43 -27.08 2.11
N PRO A 96 -20.05 -25.93 1.91
CA PRO A 96 -19.51 -24.89 1.00
C PRO A 96 -18.27 -24.29 1.68
N ILE A 97 -17.22 -24.15 0.89
CA ILE A 97 -15.94 -23.60 1.37
C ILE A 97 -15.57 -22.38 0.55
N GLY A 98 -15.31 -21.30 1.27
CA GLY A 98 -14.94 -20.02 0.62
C GLY A 98 -13.58 -19.57 1.16
N LEU A 99 -12.80 -19.00 0.26
CA LEU A 99 -11.47 -18.49 0.59
C LEU A 99 -11.51 -16.94 0.60
N LEU A 100 -10.79 -16.44 1.57
CA LEU A 100 -10.56 -14.98 1.72
C LEU A 100 -9.06 -14.79 1.39
N MET A 101 -8.83 -14.16 0.26
CA MET A 101 -7.50 -13.95 -0.28
C MET A 101 -7.15 -12.46 -0.46
N TYR A 102 -5.85 -12.26 -0.63
CA TYR A 102 -5.28 -10.95 -1.03
C TYR A 102 -4.85 -11.17 -2.50
N ALA A 103 -5.06 -10.20 -3.33
CA ALA A 103 -4.80 -10.23 -4.75
C ALA A 103 -3.42 -10.78 -5.14
N ASN A 104 -2.39 -10.44 -4.38
CA ASN A 104 -1.05 -10.91 -4.74
C ASN A 104 -0.96 -12.42 -4.72
N LEU A 105 -1.65 -13.06 -3.79
CA LEU A 105 -1.61 -14.53 -3.70
C LEU A 105 -2.32 -15.18 -4.89
N VAL A 106 -3.31 -14.50 -5.40
CA VAL A 106 -4.09 -14.96 -6.56
C VAL A 106 -3.32 -14.71 -7.85
N PHE A 107 -2.72 -13.54 -7.94
CA PHE A 107 -1.98 -13.07 -9.10
C PHE A 107 -0.64 -13.79 -9.30
N ASN A 108 0.04 -14.09 -8.23
CA ASN A 108 1.35 -14.68 -8.17
C ASN A 108 1.70 -15.65 -9.30
N ASN A 109 1.00 -16.75 -9.41
CA ASN A 109 1.36 -17.74 -10.47
C ASN A 109 0.33 -17.77 -11.59
N GLY A 110 -0.32 -16.66 -11.81
CA GLY A 110 -1.34 -16.53 -12.88
C GLY A 110 -2.73 -16.66 -12.25
N ILE A 111 -3.61 -15.74 -12.65
CA ILE A 111 -4.98 -15.72 -12.11
C ILE A 111 -5.73 -17.00 -12.47
N ASP A 112 -5.71 -17.34 -13.75
CA ASP A 112 -6.40 -18.56 -14.22
C ASP A 112 -5.91 -19.78 -13.45
N ALA A 113 -4.60 -19.89 -13.31
CA ALA A 113 -3.97 -21.02 -12.62
C ALA A 113 -4.46 -21.18 -11.18
N PHE A 114 -4.68 -20.06 -10.51
CA PHE A 114 -5.13 -20.07 -9.11
C PHE A 114 -6.54 -20.67 -9.01
N TYR A 115 -7.41 -20.20 -9.88
CA TYR A 115 -8.82 -20.63 -9.89
C TYR A 115 -8.94 -22.08 -10.31
N ALA A 116 -8.05 -22.52 -11.19
CA ALA A 116 -8.05 -23.92 -11.66
C ALA A 116 -7.71 -24.81 -10.46
N ARG A 117 -6.81 -24.31 -9.64
CA ARG A 117 -6.36 -25.02 -8.44
C ARG A 117 -7.47 -25.14 -7.42
N CYS A 118 -8.22 -24.06 -7.26
CA CYS A 118 -9.37 -24.01 -6.34
C CYS A 118 -10.39 -25.09 -6.74
N GLU A 119 -10.67 -25.10 -8.03
CA GLU A 119 -11.61 -26.05 -8.63
C GLU A 119 -11.20 -27.49 -8.29
N GLN A 120 -9.93 -27.77 -8.49
CA GLN A 120 -9.31 -29.06 -8.24
C GLN A 120 -9.49 -29.54 -6.80
N VAL A 121 -9.25 -28.68 -5.83
CA VAL A 121 -9.35 -29.06 -4.42
C VAL A 121 -10.79 -29.07 -3.91
N GLY A 122 -11.68 -28.43 -4.62
CA GLY A 122 -13.09 -28.36 -4.26
C GLY A 122 -13.49 -27.15 -3.44
N VAL A 123 -12.95 -26.00 -3.80
CA VAL A 123 -13.29 -24.70 -3.17
C VAL A 123 -14.54 -24.18 -3.89
N ASP A 124 -15.44 -23.54 -3.18
CA ASP A 124 -16.69 -23.04 -3.78
C ASP A 124 -16.68 -21.60 -4.20
N SER A 125 -16.00 -20.74 -3.45
CA SER A 125 -15.97 -19.31 -3.73
C SER A 125 -14.63 -18.70 -3.29
N VAL A 126 -14.37 -17.53 -3.83
CA VAL A 126 -13.18 -16.75 -3.48
C VAL A 126 -13.55 -15.27 -3.38
N LEU A 127 -13.17 -14.69 -2.25
CA LEU A 127 -13.32 -13.25 -2.02
C LEU A 127 -11.88 -12.69 -1.98
N VAL A 128 -11.64 -11.73 -2.85
CA VAL A 128 -10.33 -11.06 -2.92
C VAL A 128 -10.52 -9.66 -2.25
N ALA A 129 -10.00 -9.59 -1.05
CA ALA A 129 -10.09 -8.41 -0.19
C ALA A 129 -9.74 -7.09 -0.84
N ASP A 130 -8.70 -7.05 -1.64
CA ASP A 130 -8.21 -5.80 -2.25
C ASP A 130 -8.48 -5.64 -3.71
N VAL A 131 -9.54 -6.27 -4.21
CA VAL A 131 -9.95 -6.11 -5.62
C VAL A 131 -11.41 -5.63 -5.64
N PRO A 132 -11.57 -4.36 -5.95
CA PRO A 132 -12.91 -3.74 -6.04
C PRO A 132 -13.58 -4.21 -7.31
N VAL A 133 -14.90 -4.11 -7.38
CA VAL A 133 -15.64 -4.55 -8.57
C VAL A 133 -15.06 -3.91 -9.83
N GLU A 134 -14.61 -2.69 -9.71
CA GLU A 134 -14.03 -1.91 -10.78
C GLU A 134 -12.81 -2.55 -11.42
N GLU A 135 -12.07 -3.32 -10.64
CA GLU A 135 -10.86 -3.99 -11.13
C GLU A 135 -11.00 -5.49 -11.24
N SER A 136 -12.19 -6.00 -10.97
CA SER A 136 -12.46 -7.43 -10.90
C SER A 136 -12.51 -8.22 -12.19
N ALA A 137 -12.68 -7.64 -13.34
CA ALA A 137 -12.86 -8.35 -14.60
C ALA A 137 -12.12 -9.65 -14.76
N PRO A 138 -10.80 -9.61 -14.74
CA PRO A 138 -9.97 -10.80 -14.94
C PRO A 138 -10.16 -11.87 -13.88
N PHE A 139 -10.46 -11.43 -12.67
CA PHE A 139 -10.64 -12.32 -11.52
C PHE A 139 -11.98 -13.05 -11.60
N ARG A 140 -13.03 -12.29 -11.86
CA ARG A 140 -14.38 -12.88 -11.90
C ARG A 140 -14.54 -13.77 -13.12
N GLN A 141 -13.89 -13.41 -14.21
CA GLN A 141 -13.95 -14.23 -15.45
C GLN A 141 -13.27 -15.57 -15.25
N ALA A 142 -12.11 -15.59 -14.62
CA ALA A 142 -11.38 -16.83 -14.35
C ALA A 142 -12.16 -17.70 -13.37
N ALA A 143 -12.78 -17.05 -12.39
CA ALA A 143 -13.58 -17.78 -11.39
C ALA A 143 -14.73 -18.53 -12.09
N LEU A 144 -15.47 -17.79 -12.88
CA LEU A 144 -16.64 -18.31 -13.60
C LEU A 144 -16.24 -19.50 -14.48
N ARG A 145 -15.12 -19.31 -15.15
CA ARG A 145 -14.56 -20.33 -16.05
C ARG A 145 -14.25 -21.62 -15.30
N HIS A 146 -13.95 -21.48 -14.02
CA HIS A 146 -13.57 -22.63 -13.18
C HIS A 146 -14.65 -22.99 -12.18
N ASN A 147 -15.86 -22.56 -12.46
CA ASN A 147 -17.04 -22.84 -11.63
C ASN A 147 -16.85 -22.41 -10.18
N ILE A 148 -16.23 -21.26 -10.01
CA ILE A 148 -15.99 -20.68 -8.68
C ILE A 148 -16.83 -19.39 -8.59
N ALA A 149 -17.46 -19.23 -7.44
CA ALA A 149 -18.27 -18.03 -7.20
C ALA A 149 -17.38 -16.89 -6.73
N PRO A 150 -17.43 -15.81 -7.47
CA PRO A 150 -16.68 -14.58 -7.10
C PRO A 150 -17.54 -13.86 -6.05
N ILE A 151 -17.03 -13.70 -4.86
CA ILE A 151 -17.73 -13.01 -3.77
C ILE A 151 -17.30 -11.54 -3.73
N PHE A 152 -18.27 -10.66 -3.58
CA PHE A 152 -18.03 -9.21 -3.51
C PHE A 152 -18.64 -8.67 -2.21
N ILE A 153 -17.94 -7.69 -1.67
CA ILE A 153 -18.36 -6.99 -0.44
C ILE A 153 -19.23 -5.79 -0.82
N CYS A 154 -20.28 -5.65 -0.06
CA CYS A 154 -21.23 -4.51 -0.18
C CYS A 154 -21.01 -3.66 1.08
N PRO A 155 -20.25 -2.59 0.88
CA PRO A 155 -19.88 -1.68 1.98
C PRO A 155 -21.02 -0.78 2.37
N PRO A 156 -20.94 -0.28 3.60
CA PRO A 156 -21.95 0.62 4.16
C PRO A 156 -22.22 1.83 3.30
N ASN A 157 -21.22 2.25 2.56
CA ASN A 157 -21.28 3.43 1.69
C ASN A 157 -21.58 3.09 0.25
N ALA A 158 -22.28 1.98 0.03
CA ALA A 158 -22.64 1.53 -1.32
C ALA A 158 -23.73 2.41 -1.92
N ASP A 159 -23.59 2.67 -3.20
CA ASP A 159 -24.56 3.45 -3.99
C ASP A 159 -25.31 2.45 -4.90
N ASP A 160 -26.26 2.99 -5.65
CA ASP A 160 -27.12 2.20 -6.52
C ASP A 160 -26.33 1.43 -7.58
N ASP A 161 -25.40 2.11 -8.20
CA ASP A 161 -24.57 1.50 -9.27
C ASP A 161 -23.71 0.36 -8.71
N LEU A 162 -23.29 0.52 -7.47
CA LEU A 162 -22.49 -0.52 -6.81
C LEU A 162 -23.38 -1.75 -6.59
N LEU A 163 -24.56 -1.48 -6.07
CA LEU A 163 -25.54 -2.53 -5.78
C LEU A 163 -25.80 -3.35 -7.05
N ARG A 164 -26.03 -2.64 -8.13
CA ARG A 164 -26.31 -3.26 -9.43
C ARG A 164 -25.14 -4.08 -9.95
N GLN A 165 -23.93 -3.55 -9.79
CA GLN A 165 -22.72 -4.25 -10.23
C GLN A 165 -22.54 -5.56 -9.47
N VAL A 166 -22.60 -5.45 -8.16
CA VAL A 166 -22.44 -6.58 -7.25
C VAL A 166 -23.51 -7.63 -7.48
N ALA A 167 -24.70 -7.17 -7.84
CA ALA A 167 -25.82 -8.09 -8.10
C ALA A 167 -25.54 -8.89 -9.37
N SER A 168 -24.97 -8.21 -10.35
CA SER A 168 -24.63 -8.75 -11.65
C SER A 168 -23.45 -9.70 -11.66
N TYR A 169 -22.36 -9.29 -11.04
CA TYR A 169 -21.10 -10.01 -11.03
C TYR A 169 -20.95 -11.09 -9.99
N GLY A 170 -21.51 -10.90 -8.82
CA GLY A 170 -21.39 -11.84 -7.70
C GLY A 170 -22.20 -13.10 -7.92
N ARG A 171 -21.76 -14.14 -7.24
CA ARG A 171 -22.36 -15.47 -7.21
C ARG A 171 -22.14 -16.02 -5.79
N GLY A 172 -22.92 -17.04 -5.45
CA GLY A 172 -22.81 -17.70 -4.15
C GLY A 172 -23.57 -16.95 -3.08
N TYR A 173 -23.01 -15.80 -2.70
CA TYR A 173 -23.62 -14.92 -1.70
C TYR A 173 -22.99 -13.53 -1.79
N THR A 174 -23.67 -12.60 -1.15
CA THR A 174 -23.23 -11.20 -1.08
C THR A 174 -22.77 -10.95 0.35
N TYR A 175 -21.56 -10.43 0.45
CA TYR A 175 -20.95 -10.12 1.76
C TYR A 175 -21.30 -8.68 2.13
N LEU A 176 -22.30 -8.59 2.99
CA LEU A 176 -22.84 -7.30 3.47
C LEU A 176 -22.06 -6.80 4.68
N LEU A 177 -21.82 -5.49 4.65
CA LEU A 177 -21.09 -4.79 5.71
C LEU A 177 -21.98 -3.70 6.32
N SER A 178 -23.16 -4.12 6.72
CA SER A 178 -24.15 -3.23 7.37
C SER A 178 -24.15 -1.87 6.71
N PRO A 192 -29.07 2.29 4.29
CA PRO A 192 -29.98 1.72 5.27
C PRO A 192 -30.06 0.21 5.14
N LEU A 193 -29.53 -0.47 6.14
CA LEU A 193 -29.46 -1.93 6.21
C LEU A 193 -30.63 -2.59 5.48
N HIS A 194 -31.81 -2.45 6.04
CA HIS A 194 -33.05 -3.03 5.52
C HIS A 194 -33.32 -2.61 4.07
N HIS A 195 -32.78 -1.46 3.72
CA HIS A 195 -32.93 -0.88 2.38
C HIS A 195 -31.99 -1.60 1.41
N LEU A 196 -30.80 -1.89 1.89
CA LEU A 196 -29.76 -2.58 1.11
C LEU A 196 -30.30 -3.95 0.69
N ILE A 197 -30.89 -4.62 1.66
CA ILE A 197 -31.46 -5.95 1.50
C ILE A 197 -32.51 -5.97 0.39
N GLU A 198 -33.37 -4.97 0.43
CA GLU A 198 -34.47 -4.78 -0.50
C GLU A 198 -33.99 -4.61 -1.93
N LYS A 199 -33.01 -3.73 -2.06
CA LYS A 199 -32.41 -3.38 -3.35
C LYS A 199 -31.69 -4.58 -3.95
N LEU A 200 -30.93 -5.25 -3.11
CA LEU A 200 -30.17 -6.45 -3.53
C LEU A 200 -31.14 -7.51 -4.05
N LYS A 201 -32.21 -7.70 -3.28
CA LYS A 201 -33.25 -8.68 -3.65
C LYS A 201 -33.87 -8.28 -4.98
N GLU A 202 -34.16 -7.00 -5.10
CA GLU A 202 -34.75 -6.43 -6.30
C GLU A 202 -33.86 -6.62 -7.52
N TYR A 203 -32.56 -6.55 -7.28
CA TYR A 203 -31.56 -6.69 -8.35
C TYR A 203 -31.21 -8.15 -8.58
N HIS A 204 -31.76 -9.00 -7.73
CA HIS A 204 -31.56 -10.45 -7.81
C HIS A 204 -30.11 -10.82 -7.50
N ALA A 205 -29.56 -10.14 -6.52
CA ALA A 205 -28.18 -10.40 -6.05
C ALA A 205 -28.18 -11.73 -5.30
N ALA A 206 -27.00 -12.30 -5.16
CA ALA A 206 -26.84 -13.56 -4.41
C ALA A 206 -27.26 -13.28 -2.97
N PRO A 207 -27.73 -14.31 -2.30
CA PRO A 207 -28.19 -14.21 -0.90
C PRO A 207 -27.18 -13.41 -0.07
N ALA A 208 -27.70 -12.42 0.64
CA ALA A 208 -26.90 -11.51 1.46
C ALA A 208 -26.65 -12.04 2.86
N LEU A 209 -25.37 -12.01 3.23
CA LEU A 209 -24.91 -12.41 4.56
C LEU A 209 -24.31 -11.18 5.25
N GLN A 210 -24.76 -10.97 6.47
CA GLN A 210 -24.31 -9.85 7.31
C GLN A 210 -22.93 -10.20 7.88
N GLY A 211 -21.95 -9.36 7.54
CA GLY A 211 -20.58 -9.57 7.94
C GLY A 211 -20.05 -8.68 9.04
N PHE A 212 -20.64 -7.52 9.20
CA PHE A 212 -20.22 -6.53 10.19
C PHE A 212 -20.83 -6.78 11.57
N GLY A 213 -19.98 -6.75 12.58
CA GLY A 213 -20.29 -6.86 13.97
C GLY A 213 -20.75 -8.13 14.59
N ILE A 214 -20.89 -9.19 13.82
CA ILE A 214 -21.36 -10.50 14.29
C ILE A 214 -20.41 -11.16 15.28
N SER A 215 -20.69 -10.93 16.56
CA SER A 215 -19.87 -11.46 17.65
C SER A 215 -20.69 -12.15 18.72
N SER A 216 -21.99 -11.98 18.66
CA SER A 216 -22.93 -12.59 19.63
C SER A 216 -24.24 -12.97 18.92
N PRO A 217 -24.87 -14.00 19.47
CA PRO A 217 -26.10 -14.57 18.93
C PRO A 217 -27.20 -13.61 18.59
N GLU A 218 -27.41 -12.56 19.38
CA GLU A 218 -28.48 -11.60 19.12
C GLU A 218 -28.32 -10.97 17.74
N GLN A 219 -27.08 -10.65 17.44
CA GLN A 219 -26.70 -10.02 16.16
C GLN A 219 -27.06 -10.94 14.99
N VAL A 220 -26.96 -12.23 15.26
CA VAL A 220 -27.29 -13.26 14.25
C VAL A 220 -28.78 -13.14 13.94
N SER A 221 -29.59 -13.40 14.97
CA SER A 221 -31.05 -13.34 14.85
C SER A 221 -31.49 -11.99 14.29
N ALA A 222 -30.84 -10.96 14.80
CA ALA A 222 -31.09 -9.58 14.38
C ALA A 222 -30.96 -9.42 12.87
N ALA A 223 -29.95 -10.08 12.31
CA ALA A 223 -29.66 -10.02 10.88
C ALA A 223 -30.68 -10.79 10.06
N VAL A 224 -30.96 -12.01 10.49
CA VAL A 224 -31.94 -12.87 9.79
C VAL A 224 -33.28 -12.14 9.75
N ARG A 225 -33.68 -11.68 10.93
CA ARG A 225 -34.94 -10.95 11.10
C ARG A 225 -35.03 -9.76 10.15
N ALA A 226 -33.91 -9.10 9.97
CA ALA A 226 -33.79 -7.91 9.12
C ALA A 226 -33.94 -8.23 7.64
N GLY A 227 -33.83 -9.51 7.29
CA GLY A 227 -33.98 -9.96 5.92
C GLY A 227 -32.77 -10.63 5.31
N ALA A 228 -31.69 -10.72 6.06
CA ALA A 228 -30.45 -11.35 5.59
C ALA A 228 -30.62 -12.87 5.54
N ALA A 229 -29.84 -13.50 4.68
CA ALA A 229 -29.87 -14.95 4.49
C ALA A 229 -29.01 -15.65 5.55
N GLY A 230 -28.28 -14.85 6.31
CA GLY A 230 -27.41 -15.38 7.37
C GLY A 230 -26.39 -14.35 7.82
N ALA A 231 -25.41 -14.84 8.58
CA ALA A 231 -24.37 -13.99 9.15
C ALA A 231 -23.00 -14.65 9.14
N ILE A 232 -22.00 -13.81 8.89
CA ILE A 232 -20.60 -14.19 8.88
C ILE A 232 -19.90 -13.61 10.13
N SER A 233 -19.27 -14.50 10.86
CA SER A 233 -18.51 -14.13 12.07
C SER A 233 -17.02 -14.03 11.69
N GLY A 234 -16.65 -12.84 11.27
CA GLY A 234 -15.36 -12.44 10.82
C GLY A 234 -14.16 -12.49 11.70
N SER A 235 -14.30 -12.46 13.01
CA SER A 235 -13.14 -12.51 13.91
C SER A 235 -13.45 -13.06 15.30
N ALA A 236 -14.73 -13.21 15.59
CA ALA A 236 -15.19 -13.70 16.89
C ALA A 236 -14.56 -15.06 17.21
N ILE A 237 -14.47 -15.90 16.18
CA ILE A 237 -13.90 -17.24 16.35
C ILE A 237 -12.40 -17.15 16.63
N VAL A 238 -11.73 -16.31 15.87
CA VAL A 238 -10.27 -16.12 16.00
C VAL A 238 -9.93 -15.71 17.44
N LYS A 239 -10.73 -14.84 18.00
CA LYS A 239 -10.56 -14.34 19.37
C LYS A 239 -10.50 -15.49 20.37
N ILE A 240 -11.35 -16.47 20.16
CA ILE A 240 -11.43 -17.66 21.03
C ILE A 240 -10.17 -18.50 20.92
N ILE A 241 -9.66 -18.60 19.69
CA ILE A 241 -8.42 -19.37 19.44
C ILE A 241 -7.28 -18.73 20.22
N GLU A 242 -7.16 -17.43 19.99
CA GLU A 242 -6.15 -16.57 20.59
C GLU A 242 -6.07 -16.73 22.09
N LYS A 243 -7.22 -16.58 22.72
CA LYS A 243 -7.34 -16.65 24.18
C LYS A 243 -7.14 -18.02 24.77
N ASN A 244 -7.28 -19.07 23.99
CA ASN A 244 -7.15 -20.45 24.50
C ASN A 244 -5.93 -21.18 23.99
N LEU A 245 -4.95 -20.44 23.52
CA LEU A 245 -3.72 -20.99 22.96
C LEU A 245 -3.05 -22.00 23.88
N ALA A 246 -3.07 -21.70 25.17
CA ALA A 246 -2.44 -22.54 26.20
C ALA A 246 -3.19 -23.84 26.43
N SER A 247 -4.49 -23.82 26.21
CA SER A 247 -5.34 -25.00 26.43
C SER A 247 -6.22 -25.29 25.21
N PRO A 248 -5.69 -26.13 24.35
CA PRO A 248 -6.39 -26.54 23.13
C PRO A 248 -7.69 -27.24 23.49
N LYS A 249 -7.63 -27.97 24.59
CA LYS A 249 -8.77 -28.71 25.14
C LYS A 249 -9.94 -27.76 25.35
N GLN A 250 -9.64 -26.70 26.09
CA GLN A 250 -10.61 -25.65 26.41
C GLN A 250 -11.04 -24.92 25.12
N MET A 251 -10.06 -24.74 24.25
CA MET A 251 -10.25 -24.04 22.98
C MET A 251 -11.42 -24.65 22.19
N LEU A 252 -11.29 -25.95 21.96
CA LEU A 252 -12.28 -26.72 21.22
C LEU A 252 -13.65 -26.69 21.89
N ALA A 253 -13.63 -26.83 23.21
CA ALA A 253 -14.86 -26.81 24.02
C ALA A 253 -15.54 -25.46 23.89
N GLU A 254 -14.72 -24.42 23.98
CA GLU A 254 -15.16 -23.04 23.88
C GLU A 254 -15.73 -22.71 22.51
N LEU A 255 -15.08 -23.23 21.47
CA LEU A 255 -15.51 -23.01 20.09
C LEU A 255 -16.86 -23.70 19.85
N ARG A 256 -16.94 -24.92 20.34
CA ARG A 256 -18.15 -25.75 20.20
C ARG A 256 -19.37 -25.03 20.76
N SER A 257 -19.22 -24.56 21.99
CA SER A 257 -20.29 -23.86 22.70
C SER A 257 -20.71 -22.60 21.96
N PHE A 258 -19.73 -21.87 21.48
CA PHE A 258 -19.96 -20.61 20.76
C PHE A 258 -20.73 -20.80 19.47
N VAL A 259 -20.21 -21.65 18.61
CA VAL A 259 -20.81 -21.94 17.29
C VAL A 259 -22.25 -22.44 17.43
N SER A 260 -22.40 -23.37 18.34
CA SER A 260 -23.68 -24.01 18.66
C SER A 260 -24.72 -22.95 19.01
N ALA A 261 -24.28 -21.99 19.82
CA ALA A 261 -25.10 -20.88 20.28
C ALA A 261 -25.41 -19.90 19.14
N MET A 262 -24.42 -19.67 18.30
CA MET A 262 -24.59 -18.74 17.17
C MET A 262 -25.56 -19.33 16.15
N LYS A 263 -25.40 -20.62 15.88
CA LYS A 263 -26.24 -21.32 14.91
C LYS A 263 -27.70 -21.33 15.36
N ALA A 264 -27.88 -21.65 16.63
CA ALA A 264 -29.22 -21.72 17.24
C ALA A 264 -29.97 -20.42 16.98
N ALA A 265 -29.26 -19.32 17.15
CA ALA A 265 -29.80 -17.97 16.97
C ALA A 265 -30.29 -17.71 15.56
N SER A 266 -29.86 -18.53 14.62
CA SER A 266 -30.20 -18.42 13.21
C SER A 266 -31.49 -19.07 12.81
N ARG A 267 -32.14 -19.80 13.70
CA ARG A 267 -33.40 -20.48 13.37
C ARG A 267 -34.58 -19.49 13.41
N ALA A 268 -34.22 -18.22 13.46
CA ALA A 268 -35.17 -17.11 13.49
C ALA A 268 -34.57 -15.87 12.84
N THR B 3 -13.61 6.38 -13.67
CA THR B 3 -12.67 7.45 -13.32
C THR B 3 -12.61 8.51 -14.41
N LEU B 4 -12.18 9.69 -13.99
CA LEU B 4 -12.03 10.84 -14.85
C LEU B 4 -10.70 10.78 -15.61
N LEU B 5 -9.72 10.18 -14.95
CA LEU B 5 -8.37 10.04 -15.50
C LEU B 5 -8.02 8.55 -15.61
N ASN B 6 -7.01 8.31 -16.44
CA ASN B 6 -6.50 6.93 -16.64
C ASN B 6 -5.65 6.51 -15.46
N PRO B 7 -6.08 5.47 -14.76
CA PRO B 7 -5.39 4.95 -13.59
C PRO B 7 -4.17 4.10 -13.90
N TYR B 8 -3.95 3.84 -15.17
CA TYR B 8 -2.87 2.95 -15.59
C TYR B 8 -1.82 3.63 -16.44
N PHE B 9 -0.61 3.14 -16.23
CA PHE B 9 0.59 3.53 -17.00
C PHE B 9 1.01 2.19 -17.65
N GLY B 10 0.47 2.00 -18.84
CA GLY B 10 0.72 0.67 -19.51
C GLY B 10 -0.09 -0.32 -18.66
N GLU B 11 0.57 -1.33 -18.16
CA GLU B 11 -0.03 -2.35 -17.32
C GLU B 11 0.05 -2.10 -15.83
N PHE B 12 0.73 -1.01 -15.46
CA PHE B 12 0.98 -0.69 -14.05
C PHE B 12 0.03 0.40 -13.52
N GLY B 13 -0.32 0.23 -12.26
CA GLY B 13 -1.19 1.20 -11.57
C GLY B 13 -2.47 0.53 -11.07
N GLY B 14 -3.59 1.19 -11.35
CA GLY B 14 -4.92 0.71 -10.96
C GLY B 14 -5.33 1.23 -9.59
N MET B 15 -6.38 0.62 -9.07
CA MET B 15 -6.99 0.94 -7.77
C MET B 15 -7.34 -0.33 -7.03
N TYR B 16 -6.34 -1.00 -6.50
CA TYR B 16 -6.49 -2.26 -5.79
C TYR B 16 -6.63 -2.08 -4.28
N VAL B 17 -7.81 -1.61 -3.90
CA VAL B 17 -8.20 -1.37 -2.51
C VAL B 17 -9.56 -2.01 -2.21
N PRO B 18 -9.79 -2.22 -0.92
CA PRO B 18 -11.09 -2.74 -0.43
C PRO B 18 -12.17 -1.80 -0.97
N GLN B 19 -13.30 -2.37 -1.34
CA GLN B 19 -14.42 -1.63 -1.93
C GLN B 19 -14.80 -0.37 -1.17
N ILE B 20 -14.69 -0.43 0.13
CA ILE B 20 -15.05 0.69 1.01
C ILE B 20 -14.29 1.96 0.75
N LEU B 21 -13.10 1.87 0.17
CA LEU B 21 -12.27 3.05 -0.12
C LEU B 21 -12.49 3.64 -1.48
N MET B 22 -13.21 2.97 -2.37
CA MET B 22 -13.42 3.47 -3.74
C MET B 22 -14.03 4.86 -3.78
N PRO B 23 -15.08 5.07 -3.00
CA PRO B 23 -15.76 6.36 -2.94
C PRO B 23 -14.80 7.49 -2.58
N ALA B 24 -13.92 7.22 -1.63
CA ALA B 24 -12.92 8.21 -1.18
C ALA B 24 -11.99 8.57 -2.32
N LEU B 25 -11.53 7.55 -3.05
CA LEU B 25 -10.62 7.76 -4.20
C LEU B 25 -11.29 8.53 -5.31
N ASN B 26 -12.55 8.20 -5.54
CA ASN B 26 -13.33 8.86 -6.60
C ASN B 26 -13.52 10.34 -6.23
N GLN B 27 -13.78 10.57 -4.97
CA GLN B 27 -13.99 11.92 -4.43
C GLN B 27 -12.71 12.76 -4.60
N LEU B 28 -11.60 12.14 -4.23
CA LEU B 28 -10.28 12.78 -4.34
C LEU B 28 -9.98 13.14 -5.79
N GLU B 29 -10.24 12.18 -6.69
CA GLU B 29 -9.94 12.40 -8.11
C GLU B 29 -10.71 13.60 -8.65
N GLU B 30 -11.97 13.66 -8.26
CA GLU B 30 -12.90 14.72 -8.67
C GLU B 30 -12.45 16.08 -8.16
N ALA B 31 -12.08 16.12 -6.90
CA ALA B 31 -11.60 17.36 -6.25
C ALA B 31 -10.36 17.89 -6.97
N PHE B 32 -9.46 16.97 -7.27
CA PHE B 32 -8.20 17.25 -7.96
C PHE B 32 -8.45 17.84 -9.34
N VAL B 33 -9.33 17.19 -10.08
CA VAL B 33 -9.65 17.65 -11.46
C VAL B 33 -10.21 19.07 -11.38
N ARG B 34 -11.10 19.28 -10.42
CA ARG B 34 -11.75 20.58 -10.23
C ARG B 34 -10.74 21.65 -9.82
N ALA B 35 -9.93 21.33 -8.85
CA ALA B 35 -8.92 22.27 -8.32
C ALA B 35 -7.97 22.75 -9.40
N GLN B 36 -7.56 21.81 -10.25
CA GLN B 36 -6.61 22.05 -11.34
C GLN B 36 -7.13 23.10 -12.31
N LYS B 37 -8.44 23.21 -12.39
CA LYS B 37 -9.11 24.16 -13.27
C LYS B 37 -9.55 25.41 -12.52
N ASP B 38 -9.32 25.40 -11.22
CA ASP B 38 -9.73 26.51 -10.33
C ASP B 38 -8.56 27.48 -10.13
N PRO B 39 -8.71 28.65 -10.72
CA PRO B 39 -7.69 29.71 -10.66
C PRO B 39 -7.41 30.14 -9.23
N GLU B 40 -8.45 30.08 -8.41
CA GLU B 40 -8.36 30.44 -6.99
C GLU B 40 -7.43 29.47 -6.26
N PHE B 41 -7.54 28.22 -6.65
CA PHE B 41 -6.74 27.13 -6.06
C PHE B 41 -5.28 27.30 -6.53
N GLN B 42 -5.15 27.56 -7.80
CA GLN B 42 -3.83 27.73 -8.44
C GLN B 42 -3.07 28.88 -7.79
N ALA B 43 -3.80 29.94 -7.52
CA ALA B 43 -3.28 31.16 -6.90
C ALA B 43 -2.78 30.91 -5.49
N GLN B 44 -3.58 30.22 -4.72
CA GLN B 44 -3.29 29.89 -3.32
C GLN B 44 -2.08 28.97 -3.20
N PHE B 45 -2.05 27.97 -4.06
CA PHE B 45 -0.97 26.97 -4.11
C PHE B 45 0.36 27.69 -4.39
N ALA B 46 0.36 28.46 -5.47
CA ALA B 46 1.52 29.23 -5.93
C ALA B 46 2.03 30.19 -4.85
N ASP B 47 1.09 30.78 -4.13
CA ASP B 47 1.39 31.74 -3.06
C ASP B 47 2.16 31.04 -1.94
N LEU B 48 1.68 29.88 -1.53
CA LEU B 48 2.29 29.09 -0.47
C LEU B 48 3.68 28.58 -0.90
N LEU B 49 3.76 28.21 -2.17
CA LEU B 49 5.05 27.66 -2.67
C LEU B 49 6.13 28.75 -2.63
N LYS B 50 5.76 29.89 -3.15
CA LYS B 50 6.61 31.07 -3.26
C LYS B 50 6.90 31.77 -1.94
N ASN B 51 5.85 32.16 -1.25
CA ASN B 51 6.00 32.99 -0.02
C ASN B 51 6.20 32.24 1.26
N TYR B 52 5.84 30.97 1.30
CA TYR B 52 5.97 30.17 2.51
C TYR B 52 7.03 29.09 2.44
N ALA B 53 7.06 28.37 1.32
CA ALA B 53 7.99 27.24 1.17
C ALA B 53 9.36 27.69 0.64
N GLY B 54 9.38 28.73 -0.15
CA GLY B 54 10.59 29.32 -0.70
C GLY B 54 10.97 28.94 -2.11
N ARG B 55 10.00 28.70 -2.97
CA ARG B 55 10.26 28.38 -4.39
C ARG B 55 10.43 29.69 -5.15
N PRO B 56 11.21 29.72 -6.22
CA PRO B 56 11.96 28.60 -6.79
C PRO B 56 13.27 28.34 -6.06
N THR B 57 13.65 27.08 -6.00
CA THR B 57 14.90 26.68 -5.35
C THR B 57 16.02 26.92 -6.37
N ALA B 58 17.20 27.15 -5.84
CA ALA B 58 18.39 27.43 -6.65
C ALA B 58 18.86 26.20 -7.41
N LEU B 59 19.67 26.46 -8.43
CA LEU B 59 20.33 25.42 -9.24
C LEU B 59 21.84 25.76 -9.09
N THR B 60 22.47 25.03 -8.22
CA THR B 60 23.87 25.22 -7.85
C THR B 60 24.82 24.43 -8.72
N LYS B 61 25.82 25.12 -9.22
CA LYS B 61 26.89 24.46 -10.01
C LYS B 61 28.00 24.03 -9.06
N CYS B 62 28.34 22.75 -9.08
CA CYS B 62 29.44 22.23 -8.24
C CYS B 62 30.75 22.89 -8.70
N GLN B 63 31.55 23.27 -7.72
CA GLN B 63 32.80 23.98 -7.94
C GLN B 63 34.04 23.08 -7.90
N ASN B 64 34.03 22.11 -7.01
CA ASN B 64 35.18 21.27 -6.74
C ASN B 64 35.12 19.80 -7.12
N ILE B 65 34.02 19.13 -6.85
CA ILE B 65 33.94 17.69 -7.05
C ILE B 65 34.09 17.19 -8.47
N THR B 66 34.00 18.02 -9.47
CA THR B 66 34.14 17.59 -10.87
C THR B 66 35.55 17.87 -11.40
N ALA B 67 36.39 18.39 -10.52
CA ALA B 67 37.78 18.75 -10.89
C ALA B 67 38.47 17.55 -11.53
N GLY B 68 39.13 17.83 -12.64
CA GLY B 68 39.91 16.83 -13.39
C GLY B 68 39.09 15.99 -14.33
N THR B 69 37.87 16.41 -14.61
CA THR B 69 36.96 15.68 -15.51
C THR B 69 36.30 16.67 -16.44
N ARG B 70 35.55 16.18 -17.41
CA ARG B 70 34.84 17.04 -18.36
C ARG B 70 33.35 17.07 -18.05
N THR B 71 33.03 16.74 -16.81
CA THR B 71 31.65 16.77 -16.34
C THR B 71 31.35 18.12 -15.65
N THR B 72 30.17 18.62 -15.95
CA THR B 72 29.60 19.82 -15.33
C THR B 72 28.36 19.32 -14.55
N LEU B 73 28.40 19.45 -13.24
CA LEU B 73 27.34 18.98 -12.38
C LEU B 73 26.58 20.11 -11.69
N TYR B 74 25.27 20.07 -11.84
CA TYR B 74 24.38 21.04 -11.17
C TYR B 74 23.50 20.27 -10.17
N LEU B 75 23.17 20.97 -9.09
CA LEU B 75 22.35 20.39 -8.03
C LEU B 75 21.06 21.22 -7.91
N LYS B 76 19.94 20.53 -8.06
CA LYS B 76 18.62 21.23 -7.90
C LYS B 76 18.42 21.23 -6.38
N ARG B 77 18.44 22.43 -5.80
CA ARG B 77 18.45 22.57 -4.34
C ARG B 77 17.16 22.46 -3.60
N GLU B 78 16.60 21.26 -3.57
CA GLU B 78 15.35 21.00 -2.82
C GLU B 78 15.60 20.93 -1.34
N ASP B 79 16.89 20.84 -0.99
CA ASP B 79 17.33 20.85 0.40
C ASP B 79 17.03 22.24 1.03
N LEU B 80 16.80 23.21 0.20
CA LEU B 80 16.57 24.59 0.64
C LEU B 80 15.09 24.89 0.89
N LEU B 81 14.24 23.94 0.55
CA LEU B 81 12.78 24.14 0.74
C LEU B 81 12.45 24.08 2.22
N HIS B 82 11.49 24.91 2.60
CA HIS B 82 11.02 24.90 4.03
C HIS B 82 10.66 23.47 4.37
N GLY B 83 11.19 22.97 5.46
CA GLY B 83 10.97 21.60 5.94
C GLY B 83 12.24 20.76 5.70
N GLY B 84 12.94 21.10 4.61
CA GLY B 84 14.21 20.46 4.30
C GLY B 84 14.22 19.44 3.19
N ALA B 85 13.11 19.31 2.46
CA ALA B 85 13.04 18.32 1.35
C ALA B 85 11.89 18.62 0.43
N HIS B 86 11.95 18.00 -0.75
CA HIS B 86 10.97 18.12 -1.81
C HIS B 86 9.56 17.75 -1.33
N THR B 87 9.50 16.96 -0.29
CA THR B 87 8.23 16.47 0.24
C THR B 87 7.24 17.60 0.53
N THR B 88 7.75 18.78 0.82
CA THR B 88 6.90 19.94 1.14
C THR B 88 6.01 20.37 0.01
N ASN B 89 6.46 20.25 -1.23
CA ASN B 89 5.72 20.73 -2.39
C ASN B 89 4.30 20.15 -2.48
N GLN B 90 4.27 18.83 -2.49
CA GLN B 90 3.01 18.09 -2.72
C GLN B 90 2.09 18.14 -1.52
N VAL B 91 2.65 18.21 -0.34
CA VAL B 91 1.83 18.28 0.90
C VAL B 91 0.96 19.53 0.89
N LEU B 92 1.54 20.64 0.43
CA LEU B 92 0.80 21.91 0.38
C LEU B 92 -0.41 21.79 -0.54
N GLY B 93 -0.21 21.12 -1.66
CA GLY B 93 -1.28 20.89 -2.65
C GLY B 93 -2.35 19.97 -2.07
N GLN B 94 -1.92 18.86 -1.51
CA GLN B 94 -2.84 17.87 -0.91
C GLN B 94 -3.62 18.48 0.26
N ALA B 95 -2.94 19.29 1.07
CA ALA B 95 -3.59 19.93 2.23
C ALA B 95 -4.72 20.84 1.78
N LEU B 96 -4.50 21.57 0.70
CA LEU B 96 -5.50 22.46 0.13
C LEU B 96 -6.69 21.65 -0.38
N LEU B 97 -6.39 20.45 -0.87
CA LEU B 97 -7.42 19.53 -1.37
C LEU B 97 -8.27 19.02 -0.19
N ALA B 98 -7.58 18.65 0.87
CA ALA B 98 -8.23 18.13 2.08
C ALA B 98 -9.28 19.13 2.57
N LYS B 99 -8.87 20.36 2.70
CA LYS B 99 -9.72 21.46 3.15
C LYS B 99 -10.89 21.66 2.19
N ARG B 100 -10.61 21.57 0.91
CA ARG B 100 -11.65 21.74 -0.14
C ARG B 100 -12.68 20.62 -0.05
N MET B 101 -12.28 19.47 0.48
CA MET B 101 -13.13 18.30 0.61
C MET B 101 -13.80 18.26 2.00
N GLY B 102 -13.52 19.27 2.81
CA GLY B 102 -14.07 19.41 4.14
C GLY B 102 -13.57 18.40 5.14
N LYS B 103 -12.36 17.90 4.92
CA LYS B 103 -11.72 16.95 5.86
C LYS B 103 -11.03 17.81 6.92
N SER B 104 -11.00 17.29 8.13
CA SER B 104 -10.42 18.01 9.27
C SER B 104 -9.25 17.29 9.88
N GLU B 105 -9.00 16.06 9.46
CA GLU B 105 -7.88 15.26 9.98
C GLU B 105 -7.02 14.80 8.81
N ILE B 106 -5.76 14.53 9.13
CA ILE B 106 -4.78 14.07 8.14
C ILE B 106 -4.13 12.79 8.66
N ILE B 107 -3.96 11.85 7.76
CA ILE B 107 -3.23 10.61 8.04
C ILE B 107 -2.02 10.62 7.06
N ALA B 108 -0.89 10.22 7.58
CA ALA B 108 0.34 10.15 6.75
C ALA B 108 1.27 9.10 7.27
N GLU B 109 2.13 8.63 6.36
CA GLU B 109 3.18 7.67 6.74
C GLU B 109 4.52 8.37 6.42
N THR B 110 5.55 7.92 7.09
CA THR B 110 6.90 8.49 6.86
C THR B 110 7.96 7.50 7.26
N GLY B 111 9.12 7.60 6.61
CA GLY B 111 10.27 6.72 6.96
C GLY B 111 11.44 7.65 7.37
N ALA B 112 11.75 8.53 6.47
CA ALA B 112 12.79 9.55 6.63
C ALA B 112 12.29 10.64 7.59
N GLY B 113 10.98 10.70 7.73
CA GLY B 113 10.32 11.68 8.60
C GLY B 113 10.13 13.01 7.88
N GLN B 114 10.53 13.07 6.63
CA GLN B 114 10.42 14.29 5.82
C GLN B 114 9.00 14.51 5.31
N HIS B 115 8.31 13.42 5.03
CA HIS B 115 6.91 13.51 4.58
C HIS B 115 6.09 13.89 5.84
N GLY B 116 6.52 13.29 6.92
CA GLY B 116 5.94 13.48 8.25
C GLY B 116 6.01 14.94 8.67
N VAL B 117 7.20 15.50 8.54
CA VAL B 117 7.45 16.91 8.90
C VAL B 117 6.60 17.85 8.06
N ALA B 118 6.61 17.60 6.76
CA ALA B 118 5.86 18.40 5.79
C ALA B 118 4.36 18.34 6.10
N SER B 119 3.89 17.16 6.47
CA SER B 119 2.46 16.96 6.79
C SER B 119 2.11 17.77 8.05
N ALA B 120 2.98 17.69 9.04
CA ALA B 120 2.80 18.40 10.31
C ALA B 120 2.80 19.91 10.13
N LEU B 121 3.71 20.46 9.34
CA LEU B 121 3.79 21.90 9.12
C LEU B 121 2.59 22.41 8.33
N ALA B 122 2.18 21.64 7.34
CA ALA B 122 1.04 22.01 6.51
C ALA B 122 -0.24 21.98 7.37
N SER B 123 -0.30 21.05 8.28
CA SER B 123 -1.44 20.83 9.17
C SER B 123 -1.56 21.97 10.18
N ALA B 124 -0.41 22.35 10.70
CA ALA B 124 -0.30 23.45 11.68
C ALA B 124 -0.80 24.73 11.03
N LEU B 125 -0.36 25.00 9.81
CA LEU B 125 -0.72 26.19 9.06
C LEU B 125 -2.19 26.27 8.63
N LEU B 126 -2.73 25.14 8.18
CA LEU B 126 -4.08 25.10 7.63
C LEU B 126 -5.13 24.67 8.64
N GLY B 127 -4.72 24.35 9.84
CA GLY B 127 -5.59 23.99 10.95
C GLY B 127 -6.25 22.64 10.76
N LEU B 128 -5.43 21.63 10.57
CA LEU B 128 -5.85 20.23 10.43
C LEU B 128 -5.21 19.45 11.56
N LYS B 129 -5.85 18.39 11.99
CA LYS B 129 -5.34 17.49 13.03
C LYS B 129 -4.55 16.40 12.27
N CYS B 130 -3.33 16.18 12.70
CA CYS B 130 -2.41 15.26 12.02
C CYS B 130 -1.91 14.12 12.86
N ARG B 131 -2.01 12.91 12.28
CA ARG B 131 -1.48 11.69 12.90
C ARG B 131 -0.57 11.04 11.83
N ILE B 132 0.59 10.67 12.28
CA ILE B 132 1.65 10.11 11.43
C ILE B 132 2.12 8.75 11.91
N TYR B 133 2.14 7.83 10.93
CA TYR B 133 2.61 6.46 11.22
C TYR B 133 4.09 6.38 10.79
N MET B 134 4.89 5.89 11.69
CA MET B 134 6.35 5.79 11.45
C MET B 134 6.86 4.49 12.04
N GLY B 135 7.57 3.72 11.22
CA GLY B 135 8.14 2.43 11.68
C GLY B 135 9.08 2.71 12.86
N ALA B 136 9.05 1.81 13.84
CA ALA B 136 9.86 1.91 15.05
C ALA B 136 11.35 2.04 14.75
N LYS B 137 11.78 1.39 13.68
CA LYS B 137 13.20 1.44 13.28
C LYS B 137 13.57 2.85 12.84
N ASP B 138 12.67 3.44 12.09
CA ASP B 138 12.80 4.79 11.53
C ASP B 138 12.74 5.86 12.63
N VAL B 139 11.88 5.60 13.60
CA VAL B 139 11.73 6.53 14.75
C VAL B 139 13.12 6.75 15.37
N GLU B 140 13.87 5.65 15.38
CA GLU B 140 15.22 5.62 15.94
C GLU B 140 16.28 6.23 15.05
N ARG B 141 16.38 5.78 13.81
CA ARG B 141 17.41 6.26 12.88
C ARG B 141 17.15 7.60 12.27
N GLN B 142 15.95 8.14 12.37
CA GLN B 142 15.64 9.47 11.81
C GLN B 142 15.04 10.35 12.94
N SER B 143 15.52 10.11 14.13
CA SER B 143 15.03 10.74 15.37
C SER B 143 14.81 12.23 15.35
N PRO B 144 15.72 13.00 14.80
CA PRO B 144 15.59 14.46 14.75
C PRO B 144 14.25 14.88 14.19
N ASN B 145 13.76 14.10 13.23
CA ASN B 145 12.49 14.41 12.56
C ASN B 145 11.29 14.11 13.47
N VAL B 146 11.45 13.19 14.39
CA VAL B 146 10.36 12.84 15.34
C VAL B 146 10.09 14.05 16.25
N PHE B 147 11.17 14.65 16.71
CA PHE B 147 11.10 15.83 17.59
C PHE B 147 10.40 16.98 16.87
N ARG B 148 10.79 17.20 15.62
CA ARG B 148 10.22 18.26 14.80
C ARG B 148 8.71 18.08 14.63
N MET B 149 8.33 16.84 14.36
CA MET B 149 6.91 16.50 14.15
C MET B 149 6.10 16.80 15.41
N ARG B 150 6.63 16.31 16.52
CA ARG B 150 5.98 16.45 17.82
C ARG B 150 5.85 17.92 18.22
N LEU B 151 6.89 18.70 17.99
CA LEU B 151 6.89 20.13 18.33
C LEU B 151 5.83 20.90 17.59
N MET B 152 5.49 20.45 16.39
CA MET B 152 4.50 21.11 15.55
C MET B 152 3.07 20.62 15.83
N GLY B 153 2.93 19.81 16.83
CA GLY B 153 1.66 19.29 17.31
C GLY B 153 1.11 18.08 16.64
N ALA B 154 1.95 17.34 15.93
CA ALA B 154 1.48 16.13 15.22
C ALA B 154 1.62 14.93 16.15
N GLU B 155 0.71 13.98 15.97
CA GLU B 155 0.75 12.72 16.74
C GLU B 155 1.60 11.73 15.92
N VAL B 156 2.63 11.22 16.55
CA VAL B 156 3.56 10.27 15.90
C VAL B 156 3.30 8.89 16.51
N ILE B 157 2.90 7.96 15.64
CA ILE B 157 2.60 6.59 16.08
C ILE B 157 3.60 5.59 15.53
N PRO B 158 4.39 5.02 16.41
CA PRO B 158 5.41 4.03 16.07
C PRO B 158 4.77 2.70 15.67
N VAL B 159 5.26 2.17 14.56
CA VAL B 159 4.75 0.87 14.04
C VAL B 159 5.85 -0.17 14.28
N HIS B 160 5.51 -1.15 15.09
CA HIS B 160 6.42 -2.21 15.51
C HIS B 160 6.29 -3.50 14.73
N SER B 161 5.25 -3.60 13.91
CA SER B 161 4.99 -4.81 13.13
C SER B 161 5.91 -4.91 11.92
N GLY B 162 6.10 -6.15 11.51
CA GLY B 162 6.89 -6.50 10.33
C GLY B 162 8.34 -6.05 10.44
N SER B 163 8.76 -5.32 9.42
CA SER B 163 10.12 -4.79 9.34
C SER B 163 10.23 -3.46 10.11
N ALA B 164 9.11 -2.98 10.59
CA ALA B 164 9.05 -1.73 11.35
C ALA B 164 9.64 -0.56 10.56
N THR B 165 9.33 -0.54 9.28
CA THR B 165 9.78 0.49 8.35
C THR B 165 8.59 0.97 7.50
N LEU B 166 8.87 1.65 6.42
CA LEU B 166 7.87 2.27 5.56
C LEU B 166 6.69 1.40 5.21
N LYS B 167 6.92 0.21 4.66
CA LYS B 167 5.77 -0.63 4.25
C LYS B 167 4.83 -0.90 5.41
N ASP B 168 5.37 -1.09 6.58
CA ASP B 168 4.60 -1.36 7.80
C ASP B 168 3.75 -0.15 8.22
N ALA B 169 4.29 1.03 8.02
CA ALA B 169 3.60 2.29 8.31
C ALA B 169 2.50 2.51 7.27
N CYS B 170 2.81 2.09 6.05
CA CYS B 170 1.87 2.20 4.92
C CYS B 170 0.62 1.35 5.22
N ASN B 171 0.86 0.17 5.72
CA ASN B 171 -0.19 -0.80 6.06
C ASN B 171 -1.16 -0.19 7.09
N GLU B 172 -0.57 0.32 8.14
CA GLU B 172 -1.31 0.93 9.26
C GLU B 172 -2.12 2.13 8.84
N ALA B 173 -1.56 2.96 7.98
CA ALA B 173 -2.21 4.15 7.46
C ALA B 173 -3.46 3.78 6.68
N LEU B 174 -3.33 2.77 5.82
CA LEU B 174 -4.46 2.32 5.00
C LEU B 174 -5.58 1.75 5.89
N ARG B 175 -5.16 1.00 6.89
CA ARG B 175 -6.11 0.39 7.83
C ARG B 175 -6.89 1.48 8.57
N ASP B 176 -6.16 2.53 8.92
CA ASP B 176 -6.74 3.69 9.64
C ASP B 176 -7.77 4.36 8.76
N TRP B 177 -7.37 4.72 7.55
CA TRP B 177 -8.22 5.42 6.58
C TRP B 177 -9.51 4.65 6.28
N SER B 178 -9.40 3.35 6.22
CA SER B 178 -10.52 2.45 5.95
C SER B 178 -11.67 2.70 6.92
N GLY B 179 -11.31 3.14 8.12
CA GLY B 179 -12.25 3.43 9.18
C GLY B 179 -12.58 4.89 9.38
N SER B 180 -11.73 5.79 8.91
CA SER B 180 -11.92 7.23 9.16
C SER B 180 -12.05 8.10 7.94
N TYR B 181 -12.19 7.52 6.77
CA TYR B 181 -12.27 8.26 5.50
C TYR B 181 -13.26 9.41 5.52
N GLU B 182 -14.27 9.32 6.37
CA GLU B 182 -15.32 10.35 6.45
C GLU B 182 -14.82 11.70 6.91
N THR B 183 -13.89 11.70 7.86
CA THR B 183 -13.35 12.97 8.39
C THR B 183 -11.88 13.17 8.12
N ALA B 184 -11.19 12.11 7.77
CA ALA B 184 -9.73 12.15 7.52
C ALA B 184 -9.38 11.96 6.06
N HIS B 185 -8.38 12.73 5.66
CA HIS B 185 -7.78 12.65 4.30
C HIS B 185 -6.47 11.89 4.48
N TYR B 186 -6.21 10.97 3.56
CA TYR B 186 -4.96 10.18 3.61
C TYR B 186 -3.94 10.90 2.71
N MET B 187 -2.96 11.50 3.38
CA MET B 187 -1.92 12.26 2.64
C MET B 187 -0.75 11.32 2.34
N LEU B 188 -0.94 10.55 1.29
CA LEU B 188 0.07 9.56 0.83
C LEU B 188 1.33 10.32 0.43
N GLY B 189 2.45 9.88 0.94
CA GLY B 189 3.75 10.48 0.80
C GLY B 189 4.57 10.34 -0.43
N THR B 190 4.11 9.56 -1.40
CA THR B 190 4.87 9.35 -2.65
C THR B 190 3.94 9.13 -3.82
N ALA B 191 4.56 9.07 -4.99
CA ALA B 191 3.88 8.84 -6.27
C ALA B 191 3.67 7.34 -6.49
N ALA B 192 3.03 6.72 -5.52
CA ALA B 192 2.69 5.29 -5.52
C ALA B 192 1.30 5.13 -4.90
N GLY B 193 0.88 3.91 -4.69
CA GLY B 193 -0.46 3.63 -4.11
C GLY B 193 -1.51 3.64 -5.22
N PRO B 194 -2.78 3.62 -4.79
CA PRO B 194 -3.91 3.61 -5.72
C PRO B 194 -4.10 4.93 -6.44
N HIS B 195 -4.65 4.81 -7.65
CA HIS B 195 -5.03 6.01 -8.44
C HIS B 195 -6.05 6.73 -7.54
N PRO B 196 -6.01 8.05 -7.46
CA PRO B 196 -5.19 8.96 -8.23
C PRO B 196 -3.89 9.47 -7.65
N TYR B 197 -3.37 8.87 -6.61
CA TYR B 197 -2.13 9.33 -5.96
C TYR B 197 -0.93 9.48 -6.86
N PRO B 198 -0.55 8.47 -7.63
CA PRO B 198 0.62 8.56 -8.52
C PRO B 198 0.55 9.77 -9.41
N THR B 199 -0.64 10.10 -9.89
CA THR B 199 -0.90 11.24 -10.76
C THR B 199 -0.85 12.59 -10.02
N ILE B 200 -1.53 12.65 -8.90
CA ILE B 200 -1.60 13.87 -8.08
C ILE B 200 -0.22 14.29 -7.58
N VAL B 201 0.50 13.34 -7.03
CA VAL B 201 1.85 13.59 -6.47
C VAL B 201 2.79 14.05 -7.57
N ARG B 202 2.64 13.53 -8.78
CA ARG B 202 3.48 13.95 -9.91
C ARG B 202 3.19 15.41 -10.27
N GLU B 203 1.91 15.70 -10.38
CA GLU B 203 1.45 17.05 -10.75
C GLU B 203 1.83 18.08 -9.69
N PHE B 204 1.82 17.69 -8.43
CA PHE B 204 2.18 18.60 -7.33
C PHE B 204 3.69 18.60 -7.06
N GLN B 205 4.46 17.98 -7.92
CA GLN B 205 5.93 17.92 -7.76
C GLN B 205 6.60 18.37 -9.06
N ARG B 206 5.81 18.56 -10.08
CA ARG B 206 6.15 18.94 -11.42
C ARG B 206 7.05 20.16 -11.54
N MET B 207 6.92 21.08 -10.59
CA MET B 207 7.66 22.34 -10.59
C MET B 207 9.17 22.12 -10.49
N ILE B 208 9.59 21.02 -9.90
CA ILE B 208 11.02 20.70 -9.78
C ILE B 208 11.68 20.73 -11.15
N GLY B 209 11.14 19.93 -12.06
CA GLY B 209 11.68 19.80 -13.42
C GLY B 209 11.45 21.04 -14.26
N GLU B 210 10.30 21.66 -14.07
CA GLU B 210 9.94 22.87 -14.82
C GLU B 210 10.96 23.98 -14.55
N GLU B 211 11.27 24.14 -13.29
CA GLU B 211 12.25 25.16 -12.85
C GLU B 211 13.64 24.80 -13.37
N THR B 212 14.03 23.56 -13.15
CA THR B 212 15.35 23.06 -13.60
C THR B 212 15.59 23.40 -15.07
N LYS B 213 14.59 23.12 -15.89
CA LYS B 213 14.70 23.37 -17.34
C LYS B 213 14.96 24.84 -17.63
N ALA B 214 14.18 25.70 -17.00
CA ALA B 214 14.32 27.15 -17.19
C ALA B 214 15.69 27.64 -16.71
N GLN B 215 16.10 27.14 -15.58
CA GLN B 215 17.38 27.48 -14.94
C GLN B 215 18.59 27.05 -15.74
N ILE B 216 18.58 25.79 -16.17
CA ILE B 216 19.69 25.22 -16.95
C ILE B 216 19.83 25.92 -18.29
N LEU B 217 18.71 26.23 -18.91
CA LEU B 217 18.68 26.92 -20.21
C LEU B 217 19.28 28.32 -20.06
N ASP B 218 18.92 28.95 -18.96
CA ASP B 218 19.43 30.31 -18.65
C ASP B 218 20.94 30.27 -18.44
N LYS B 219 21.42 29.34 -17.65
CA LYS B 219 22.82 29.21 -17.30
C LYS B 219 23.71 28.58 -18.37
N GLU B 220 23.23 27.54 -19.02
CA GLU B 220 24.03 26.79 -19.99
C GLU B 220 23.58 26.93 -21.43
N GLY B 221 22.40 27.46 -21.65
CA GLY B 221 21.85 27.67 -22.99
C GLY B 221 21.50 26.36 -23.69
N ARG B 222 21.42 25.29 -22.91
CA ARG B 222 21.06 23.98 -23.47
C ARG B 222 20.56 23.05 -22.37
N LEU B 223 19.87 22.00 -22.82
CA LEU B 223 19.33 20.98 -21.90
C LEU B 223 20.47 20.09 -21.43
N PRO B 224 20.25 19.46 -20.29
CA PRO B 224 21.22 18.55 -19.71
C PRO B 224 21.30 17.28 -20.55
N ASP B 225 22.42 16.59 -20.41
CA ASP B 225 22.64 15.31 -21.08
C ASP B 225 21.79 14.27 -20.31
N ALA B 226 21.68 14.50 -19.01
CA ALA B 226 20.89 13.64 -18.13
C ALA B 226 20.53 14.31 -16.81
N VAL B 227 19.39 13.84 -16.29
CA VAL B 227 18.90 14.28 -14.96
C VAL B 227 18.82 12.98 -14.14
N ILE B 228 19.37 13.04 -12.95
CA ILE B 228 19.48 11.91 -12.03
C ILE B 228 18.74 12.19 -10.73
N ALA B 229 17.99 11.21 -10.27
CA ALA B 229 17.24 11.33 -9.00
C ALA B 229 17.09 9.97 -8.36
N CYS B 230 17.05 9.95 -7.03
CA CYS B 230 16.88 8.68 -6.28
C CYS B 230 15.38 8.31 -6.36
N VAL B 231 15.11 7.04 -6.20
CA VAL B 231 13.76 6.48 -6.27
C VAL B 231 13.49 5.55 -5.09
N GLY B 232 12.55 5.98 -4.25
CA GLY B 232 12.13 5.15 -3.09
C GLY B 232 10.68 4.69 -3.43
N GLY B 233 9.86 5.70 -3.61
CA GLY B 233 8.46 5.54 -3.99
C GLY B 233 8.31 6.12 -5.41
N GLY B 234 9.11 7.15 -5.69
CA GLY B 234 9.17 7.81 -6.95
C GLY B 234 8.76 9.24 -7.10
N SER B 235 8.46 9.95 -6.02
CA SER B 235 8.00 11.34 -6.10
C SER B 235 9.03 12.34 -6.59
N ASN B 236 10.18 12.41 -5.95
CA ASN B 236 11.20 13.43 -6.37
C ASN B 236 11.66 13.19 -7.78
N ALA B 237 11.83 11.93 -8.16
CA ALA B 237 12.27 11.61 -9.54
C ALA B 237 11.26 12.05 -10.57
N ILE B 238 10.00 11.65 -10.38
CA ILE B 238 8.94 12.00 -11.34
C ILE B 238 8.74 13.50 -11.42
N GLY B 239 8.90 14.19 -10.30
CA GLY B 239 8.76 15.67 -10.26
C GLY B 239 9.84 16.30 -11.15
N MET B 240 11.01 15.70 -11.07
CA MET B 240 12.16 16.18 -11.88
C MET B 240 11.98 15.75 -13.34
N PHE B 241 11.60 14.51 -13.56
CA PHE B 241 11.45 13.94 -14.91
C PHE B 241 10.34 14.49 -15.77
N ALA B 242 9.16 14.69 -15.18
CA ALA B 242 7.95 15.06 -15.90
C ALA B 242 8.13 16.00 -17.06
N ASP B 243 8.74 17.15 -16.83
CA ASP B 243 8.89 18.19 -17.84
C ASP B 243 9.89 17.84 -18.94
N PHE B 244 10.70 16.84 -18.73
CA PHE B 244 11.74 16.43 -19.69
C PHE B 244 11.34 15.22 -20.54
N ILE B 245 10.23 14.60 -20.21
CA ILE B 245 9.80 13.37 -20.88
C ILE B 245 9.78 13.49 -22.39
N ASN B 246 9.26 14.58 -22.93
CA ASN B 246 9.19 14.81 -24.36
C ASN B 246 10.51 15.29 -24.97
N ASP B 247 11.49 15.53 -24.13
CA ASP B 247 12.84 15.98 -24.59
C ASP B 247 13.69 14.70 -24.65
N THR B 248 13.57 14.02 -25.77
CA THR B 248 14.20 12.72 -25.99
C THR B 248 15.70 12.70 -25.83
N SER B 249 16.36 13.80 -26.10
CA SER B 249 17.81 13.91 -25.96
C SER B 249 18.26 13.88 -24.50
N VAL B 250 17.33 14.12 -23.59
CA VAL B 250 17.63 14.14 -22.16
C VAL B 250 17.45 12.77 -21.54
N GLY B 251 18.53 12.28 -20.96
CA GLY B 251 18.52 10.99 -20.25
C GLY B 251 17.85 11.19 -18.89
N LEU B 252 17.09 10.19 -18.49
CA LEU B 252 16.39 10.15 -17.21
C LEU B 252 16.88 8.91 -16.47
N ILE B 253 17.62 9.15 -15.41
CA ILE B 253 18.19 8.10 -14.58
C ILE B 253 17.64 8.14 -13.16
N GLY B 254 17.03 7.03 -12.79
CA GLY B 254 16.49 6.83 -11.43
C GLY B 254 17.43 5.86 -10.73
N VAL B 255 17.73 6.16 -9.50
CA VAL B 255 18.63 5.37 -8.65
C VAL B 255 17.88 4.77 -7.47
N GLU B 256 17.85 3.44 -7.43
CA GLU B 256 17.27 2.69 -6.34
C GLU B 256 18.40 2.26 -5.41
N PRO B 257 18.06 2.07 -4.15
CA PRO B 257 19.01 1.66 -3.13
C PRO B 257 19.48 0.23 -3.32
N GLY B 258 20.78 0.05 -3.33
CA GLY B 258 21.40 -1.28 -3.49
C GLY B 258 21.62 -1.93 -2.15
N GLY B 259 21.43 -1.13 -1.08
CA GLY B 259 21.60 -1.62 0.30
C GLY B 259 23.00 -2.21 0.49
N HIS B 260 23.02 -3.43 1.00
CA HIS B 260 24.26 -4.18 1.24
C HIS B 260 24.82 -4.75 -0.06
N GLY B 261 24.04 -4.68 -1.11
CA GLY B 261 24.41 -5.22 -2.44
C GLY B 261 23.25 -6.14 -2.91
N ILE B 262 22.93 -6.01 -4.17
CA ILE B 262 21.85 -6.77 -4.79
C ILE B 262 21.95 -8.26 -4.48
N GLU B 263 23.14 -8.78 -4.63
CA GLU B 263 23.47 -10.19 -4.44
C GLU B 263 23.18 -10.70 -3.05
N THR B 264 23.18 -9.79 -2.08
CA THR B 264 22.92 -10.13 -0.68
C THR B 264 21.43 -10.32 -0.41
N GLY B 265 20.62 -9.75 -1.27
CA GLY B 265 19.15 -9.81 -1.11
C GLY B 265 18.67 -8.67 -0.20
N GLU B 266 19.64 -7.96 0.35
CA GLU B 266 19.35 -6.83 1.26
C GLU B 266 19.52 -5.51 0.57
N HIS B 267 18.47 -5.14 -0.13
CA HIS B 267 18.38 -3.93 -0.95
C HIS B 267 16.92 -3.48 -1.04
N GLY B 268 16.71 -2.45 -1.84
CA GLY B 268 15.34 -1.91 -2.06
C GLY B 268 15.20 -1.51 -3.51
N ALA B 269 15.54 -2.45 -4.39
CA ALA B 269 15.53 -2.24 -5.84
C ALA B 269 14.58 -3.17 -6.57
N PRO B 270 13.28 -2.97 -6.35
CA PRO B 270 12.23 -3.76 -6.97
C PRO B 270 12.06 -3.52 -8.45
N LEU B 271 12.27 -2.30 -8.92
CA LEU B 271 12.07 -1.99 -10.35
C LEU B 271 12.97 -2.88 -11.22
N LYS B 272 14.19 -3.09 -10.77
CA LYS B 272 15.16 -3.86 -11.56
C LYS B 272 15.33 -5.29 -11.09
N HIS B 273 15.04 -5.57 -9.84
CA HIS B 273 15.25 -6.90 -9.25
C HIS B 273 14.04 -7.51 -8.61
N GLY B 274 12.86 -6.96 -8.86
CA GLY B 274 11.60 -7.53 -8.31
C GLY B 274 10.75 -8.02 -9.48
N ARG B 275 9.50 -8.34 -9.19
CA ARG B 275 8.55 -8.77 -10.24
C ARG B 275 7.18 -8.18 -9.94
N VAL B 276 6.40 -8.01 -11.00
CA VAL B 276 5.06 -7.40 -10.89
C VAL B 276 4.22 -8.17 -9.88
N GLY B 277 3.50 -7.39 -9.09
CA GLY B 277 2.60 -7.94 -8.05
C GLY B 277 1.52 -6.88 -7.78
N ILE B 278 0.65 -7.22 -6.86
CA ILE B 278 -0.45 -6.34 -6.43
C ILE B 278 -0.32 -6.17 -4.91
N TYR B 279 -0.10 -4.91 -4.54
CA TYR B 279 0.09 -4.54 -3.14
C TYR B 279 0.04 -3.02 -3.01
N PHE B 280 -0.41 -2.58 -1.85
CA PHE B 280 -0.52 -1.14 -1.54
C PHE B 280 -1.32 -0.44 -2.63
N GLY B 281 -2.44 -1.08 -2.99
CA GLY B 281 -3.40 -0.58 -3.96
C GLY B 281 -2.97 -0.41 -5.37
N MET B 282 -1.84 -1.03 -5.75
CA MET B 282 -1.31 -0.90 -7.10
C MET B 282 -0.69 -2.21 -7.63
N LYS B 283 -0.63 -2.19 -8.95
CA LYS B 283 0.02 -3.28 -9.73
C LYS B 283 1.39 -2.68 -10.17
N ALA B 284 2.43 -3.19 -9.56
CA ALA B 284 3.78 -2.70 -9.81
C ALA B 284 4.86 -3.69 -9.40
N PRO B 285 6.07 -3.41 -9.88
CA PRO B 285 7.24 -4.24 -9.53
C PRO B 285 7.37 -4.22 -8.02
N MET B 286 7.62 -5.37 -7.45
CA MET B 286 7.72 -5.61 -6.04
C MET B 286 8.79 -6.65 -5.67
N MET B 287 9.27 -6.52 -4.45
CA MET B 287 10.20 -7.51 -3.86
C MET B 287 9.26 -8.53 -3.19
N GLN B 288 9.24 -9.74 -3.75
CA GLN B 288 8.35 -10.80 -3.24
C GLN B 288 9.00 -12.16 -3.26
N THR B 289 8.46 -13.02 -2.40
CA THR B 289 8.92 -14.42 -2.33
C THR B 289 8.35 -15.18 -3.52
N ALA B 290 8.79 -16.40 -3.68
CA ALA B 290 8.37 -17.27 -4.78
C ALA B 290 6.86 -17.51 -4.75
N ASP B 291 6.31 -17.58 -3.55
CA ASP B 291 4.87 -17.85 -3.38
C ASP B 291 4.02 -16.60 -3.17
N GLY B 292 4.54 -15.43 -3.46
CA GLY B 292 3.82 -14.19 -3.42
C GLY B 292 3.69 -13.40 -2.15
N GLN B 293 4.49 -13.68 -1.16
CA GLN B 293 4.53 -12.90 0.10
C GLN B 293 5.43 -11.69 -0.19
N ILE B 294 5.15 -10.57 0.46
CA ILE B 294 5.97 -9.36 0.23
C ILE B 294 7.26 -9.54 1.03
N GLU B 295 8.35 -9.25 0.33
CA GLU B 295 9.70 -9.32 0.93
C GLU B 295 10.02 -7.98 1.59
N GLU B 296 10.77 -8.05 2.66
CA GLU B 296 11.21 -6.83 3.35
C GLU B 296 12.41 -6.24 2.62
N SER B 297 12.36 -4.95 2.40
CA SER B 297 13.46 -4.21 1.76
C SER B 297 14.49 -3.86 2.83
N TYR B 298 15.58 -3.27 2.36
CA TYR B 298 16.67 -2.79 3.20
C TYR B 298 17.44 -1.67 2.47
N SER B 299 17.68 -0.63 3.26
CA SER B 299 18.50 0.51 2.85
C SER B 299 18.97 1.24 4.11
N ILE B 300 20.16 1.83 3.98
CA ILE B 300 20.68 2.66 5.07
C ILE B 300 19.77 3.90 5.20
N SER B 301 19.21 4.27 4.07
CA SER B 301 18.34 5.41 3.87
C SER B 301 16.88 5.07 4.14
N ALA B 302 16.33 5.60 5.23
CA ALA B 302 14.95 5.34 5.63
C ALA B 302 13.95 5.70 4.54
N GLY B 303 14.22 6.74 3.80
CA GLY B 303 13.41 7.30 2.75
C GLY B 303 13.33 6.46 1.48
N LEU B 304 14.23 5.50 1.34
CA LEU B 304 14.29 4.61 0.18
C LEU B 304 13.95 3.17 0.55
N ASP B 305 13.73 2.92 1.81
CA ASP B 305 13.49 1.58 2.36
C ASP B 305 12.03 1.14 2.13
N PHE B 306 11.71 0.88 0.88
CA PHE B 306 10.36 0.46 0.47
C PHE B 306 10.45 -0.55 -0.68
N PRO B 307 9.86 -1.71 -0.46
CA PRO B 307 9.90 -2.83 -1.40
C PRO B 307 9.09 -2.72 -2.66
N SER B 308 8.57 -1.58 -3.01
CA SER B 308 7.85 -1.37 -4.28
C SER B 308 8.25 -0.02 -4.86
N VAL B 309 7.56 0.41 -5.89
CA VAL B 309 7.83 1.63 -6.62
C VAL B 309 6.60 2.10 -7.38
N GLY B 310 6.53 3.40 -7.60
CA GLY B 310 5.40 4.04 -8.31
C GLY B 310 5.30 3.46 -9.72
N PRO B 311 4.06 3.29 -10.17
CA PRO B 311 3.77 2.69 -11.47
C PRO B 311 4.24 3.44 -12.68
N GLN B 312 4.35 4.76 -12.64
CA GLN B 312 4.82 5.54 -13.81
C GLN B 312 6.30 5.22 -14.09
N HIS B 313 7.03 4.91 -13.04
CA HIS B 313 8.47 4.56 -13.18
C HIS B 313 8.61 3.20 -13.86
N ALA B 314 7.76 2.28 -13.44
CA ALA B 314 7.74 0.92 -14.00
C ALA B 314 7.48 1.01 -15.49
N TYR B 315 6.56 1.89 -15.87
CA TYR B 315 6.19 2.13 -17.26
C TYR B 315 7.30 2.79 -18.07
N LEU B 316 7.93 3.81 -17.49
CA LEU B 316 9.00 4.54 -18.17
C LEU B 316 10.17 3.60 -18.46
N ASN B 317 10.42 2.71 -17.52
CA ASN B 317 11.48 1.72 -17.65
C ASN B 317 11.16 0.77 -18.82
N SER B 318 9.97 0.21 -18.73
CA SER B 318 9.51 -0.81 -19.71
C SER B 318 9.62 -0.33 -21.13
N ILE B 319 9.30 0.91 -21.41
CA ILE B 319 9.38 1.48 -22.75
C ILE B 319 10.78 2.00 -23.07
N GLY B 320 11.66 1.96 -22.10
CA GLY B 320 13.04 2.40 -22.22
C GLY B 320 13.25 3.90 -22.29
N ARG B 321 12.31 4.67 -21.76
CA ARG B 321 12.43 6.14 -21.77
C ARG B 321 13.41 6.56 -20.65
N ALA B 322 13.31 5.85 -19.54
CA ALA B 322 14.17 6.10 -18.38
C ALA B 322 14.97 4.85 -18.06
N ASP B 323 16.15 5.11 -17.52
CA ASP B 323 17.08 4.04 -17.08
C ASP B 323 17.14 4.05 -15.55
N TYR B 324 17.23 2.87 -14.98
CA TYR B 324 17.31 2.71 -13.53
C TYR B 324 18.53 1.89 -13.16
N VAL B 325 19.22 2.38 -12.14
CA VAL B 325 20.44 1.78 -11.59
C VAL B 325 20.30 1.68 -10.08
N SER B 326 21.27 1.08 -9.45
CA SER B 326 21.33 0.95 -8.00
C SER B 326 22.69 1.46 -7.48
N ILE B 327 22.65 1.90 -6.24
CA ILE B 327 23.78 2.43 -5.50
C ILE B 327 23.75 1.83 -4.09
N THR B 328 24.88 1.29 -3.66
CA THR B 328 24.97 0.63 -2.35
C THR B 328 25.10 1.65 -1.21
N ASP B 329 24.93 1.15 -0.01
CA ASP B 329 25.07 1.93 1.23
C ASP B 329 26.45 2.63 1.21
N ASP B 330 27.49 1.83 0.98
CA ASP B 330 28.87 2.32 0.99
C ASP B 330 29.10 3.42 -0.03
N GLU B 331 28.52 3.30 -1.21
CA GLU B 331 28.65 4.30 -2.26
C GLU B 331 27.94 5.60 -1.90
N ALA B 332 26.79 5.46 -1.26
CA ALA B 332 26.01 6.63 -0.81
C ALA B 332 26.76 7.38 0.28
N LEU B 333 27.36 6.65 1.19
CA LEU B 333 28.13 7.23 2.30
C LEU B 333 29.28 8.08 1.78
N GLU B 334 29.98 7.55 0.78
CA GLU B 334 31.12 8.27 0.20
C GLU B 334 30.66 9.56 -0.46
N ALA B 335 29.53 9.50 -1.15
CA ALA B 335 28.98 10.65 -1.84
C ALA B 335 28.56 11.72 -0.81
N PHE B 336 28.06 11.24 0.29
CA PHE B 336 27.62 12.12 1.40
C PHE B 336 28.83 12.92 1.91
N LYS B 337 29.84 12.17 2.29
CA LYS B 337 31.11 12.68 2.80
C LYS B 337 31.72 13.71 1.86
N THR B 338 31.77 13.36 0.59
CA THR B 338 32.33 14.18 -0.47
C THR B 338 31.64 15.52 -0.65
N LEU B 339 30.30 15.53 -0.63
CA LEU B 339 29.58 16.79 -0.84
C LEU B 339 29.78 17.71 0.38
N CYS B 340 29.84 17.09 1.52
CA CYS B 340 30.03 17.80 2.80
C CYS B 340 31.36 18.56 2.78
N ARG B 341 32.41 17.78 2.56
CA ARG B 341 33.79 18.28 2.60
C ARG B 341 34.22 19.12 1.45
N HIS B 342 33.64 18.99 0.27
CA HIS B 342 34.07 19.76 -0.90
C HIS B 342 33.13 20.77 -1.45
N GLU B 343 31.86 20.74 -1.05
CA GLU B 343 30.91 21.76 -1.56
C GLU B 343 30.19 22.48 -0.42
N GLY B 344 30.42 22.02 0.78
CA GLY B 344 29.83 22.60 1.99
C GLY B 344 28.31 22.42 2.01
N ILE B 345 27.87 21.26 1.53
CA ILE B 345 26.43 20.93 1.54
C ILE B 345 26.28 19.55 2.18
N ILE B 346 25.41 19.48 3.17
CA ILE B 346 25.08 18.21 3.84
C ILE B 346 23.76 17.72 3.22
N PRO B 347 23.87 16.66 2.44
CA PRO B 347 22.71 16.09 1.75
C PRO B 347 22.08 14.99 2.57
N ALA B 348 20.81 14.71 2.27
CA ALA B 348 20.10 13.58 2.91
C ALA B 348 20.79 12.31 2.33
N LEU B 349 20.80 11.26 3.08
CA LEU B 349 21.38 9.98 2.65
C LEU B 349 20.65 9.47 1.39
N GLU B 350 19.37 9.83 1.28
CA GLU B 350 18.58 9.42 0.11
C GLU B 350 19.17 10.05 -1.14
N SER B 351 19.31 11.36 -1.10
CA SER B 351 19.84 12.18 -2.19
C SER B 351 21.28 11.78 -2.55
N SER B 352 21.98 11.31 -1.55
CA SER B 352 23.38 10.87 -1.69
C SER B 352 23.49 9.70 -2.67
N HIS B 353 22.39 8.96 -2.75
CA HIS B 353 22.30 7.81 -3.69
C HIS B 353 22.38 8.32 -5.12
N ALA B 354 21.62 9.35 -5.44
CA ALA B 354 21.62 9.96 -6.77
C ALA B 354 22.97 10.59 -7.09
N LEU B 355 23.53 11.28 -6.10
CA LEU B 355 24.84 11.92 -6.28
C LEU B 355 25.93 10.87 -6.56
N ALA B 356 25.91 9.80 -5.80
CA ALA B 356 26.89 8.72 -5.92
C ALA B 356 26.96 8.19 -7.35
N HIS B 357 25.79 8.16 -7.99
CA HIS B 357 25.69 7.67 -9.37
C HIS B 357 26.29 8.69 -10.34
N ALA B 358 26.03 9.96 -10.09
CA ALA B 358 26.58 11.02 -10.95
C ALA B 358 28.10 11.02 -10.83
N LEU B 359 28.61 10.74 -9.64
CA LEU B 359 30.07 10.73 -9.42
C LEU B 359 30.71 9.56 -10.16
N LYS B 360 29.96 8.47 -10.19
CA LYS B 360 30.39 7.23 -10.88
C LYS B 360 30.51 7.52 -12.36
N MET B 361 29.49 8.18 -12.91
CA MET B 361 29.43 8.55 -14.31
C MET B 361 30.65 9.37 -14.74
N MET B 362 30.99 10.33 -13.90
CA MET B 362 32.12 11.23 -14.20
C MET B 362 33.47 10.53 -14.02
N ARG B 363 33.61 9.76 -12.96
CA ARG B 363 34.84 9.08 -12.63
C ARG B 363 35.23 7.98 -13.62
N GLU B 364 34.24 7.26 -14.09
CA GLU B 364 34.45 6.13 -15.01
C GLU B 364 34.93 6.57 -16.36
N GLN B 365 34.45 7.69 -16.82
CA GLN B 365 34.79 8.28 -18.13
C GLN B 365 35.08 9.77 -17.96
N PRO B 366 36.25 10.04 -17.40
CA PRO B 366 36.68 11.40 -17.06
C PRO B 366 36.86 12.36 -18.19
N GLU B 367 37.03 11.90 -19.42
CA GLU B 367 37.25 12.76 -20.58
C GLU B 367 36.00 12.91 -21.41
N LYS B 368 34.91 12.34 -20.91
CA LYS B 368 33.60 12.44 -21.57
C LYS B 368 32.97 13.75 -21.10
N GLU B 369 32.62 14.56 -22.04
CA GLU B 369 32.00 15.87 -21.85
C GLU B 369 30.51 15.68 -21.60
N GLN B 370 30.06 16.03 -20.40
CA GLN B 370 28.62 15.84 -20.08
C GLN B 370 28.14 16.84 -19.04
N LEU B 371 26.90 17.24 -19.26
CA LEU B 371 26.18 18.19 -18.38
C LEU B 371 25.09 17.43 -17.64
N LEU B 372 25.31 17.22 -16.35
CA LEU B 372 24.41 16.48 -15.48
C LEU B 372 23.72 17.40 -14.45
N VAL B 373 22.53 16.97 -14.08
CA VAL B 373 21.73 17.59 -13.04
C VAL B 373 21.28 16.48 -12.07
N VAL B 374 21.59 16.69 -10.81
CA VAL B 374 21.19 15.79 -9.74
C VAL B 374 20.09 16.51 -8.92
N ASN B 375 19.08 15.74 -8.59
CA ASN B 375 18.01 16.31 -7.71
C ASN B 375 18.48 16.14 -6.27
N LEU B 376 18.88 17.27 -5.65
CA LEU B 376 19.31 17.17 -4.23
C LEU B 376 18.00 17.28 -3.42
N SER B 377 17.32 16.15 -3.34
CA SER B 377 15.99 16.04 -2.74
C SER B 377 15.87 16.60 -1.34
N GLY B 378 16.88 16.52 -0.50
CA GLY B 378 16.83 17.09 0.85
C GLY B 378 18.17 17.31 1.51
N ARG B 379 18.10 17.91 2.71
CA ARG B 379 19.28 18.16 3.54
C ARG B 379 19.42 17.00 4.51
N GLY B 380 20.62 16.80 5.03
CA GLY B 380 20.97 15.72 5.90
C GLY B 380 20.97 15.87 7.37
N ASP B 381 20.39 16.96 7.88
CA ASP B 381 20.29 17.19 9.33
C ASP B 381 19.76 15.95 10.04
N LYS B 382 18.73 15.34 9.43
CA LYS B 382 18.08 14.16 10.01
C LYS B 382 19.01 12.96 10.13
N ASP B 383 20.01 12.92 9.27
CA ASP B 383 20.98 11.86 9.15
C ASP B 383 22.28 11.98 9.93
N ILE B 384 22.62 13.14 10.43
CA ILE B 384 23.90 13.39 11.08
C ILE B 384 24.29 12.46 12.21
N PHE B 385 23.36 12.07 13.05
CA PHE B 385 23.71 11.20 14.21
C PHE B 385 24.05 9.81 13.71
N THR B 386 23.28 9.36 12.74
CA THR B 386 23.43 8.06 12.11
C THR B 386 24.78 7.95 11.40
N VAL B 387 25.05 8.89 10.51
CA VAL B 387 26.28 8.90 9.72
C VAL B 387 27.52 9.06 10.59
N HIS B 388 27.48 10.03 11.47
CA HIS B 388 28.60 10.33 12.38
C HIS B 388 29.08 9.05 13.07
N ASP B 389 28.13 8.27 13.52
CA ASP B 389 28.41 7.03 14.27
C ASP B 389 28.98 5.92 13.41
N ILE B 390 28.84 6.06 12.11
CA ILE B 390 29.37 5.07 11.15
C ILE B 390 30.80 5.45 10.80
N LEU B 391 30.95 6.73 10.48
CA LEU B 391 32.25 7.31 10.12
C LEU B 391 33.23 7.11 11.28
N LYS B 392 32.66 7.27 12.46
CA LYS B 392 33.38 7.13 13.73
C LYS B 392 33.87 5.70 13.92
N ALA B 393 32.93 4.78 13.82
CA ALA B 393 33.19 3.34 13.98
C ALA B 393 34.21 2.84 12.95
N ARG B 394 34.54 3.71 12.01
CA ARG B 394 35.50 3.40 10.95
C ARG B 394 36.80 4.18 11.10
N GLY B 395 36.67 5.40 11.60
CA GLY B 395 37.79 6.30 11.84
C GLY B 395 37.95 7.33 10.73
N GLU B 396 36.82 7.85 10.28
CA GLU B 396 36.78 8.87 9.23
C GLU B 396 36.18 10.15 9.82
N ILE B 397 36.08 10.10 11.14
CA ILE B 397 35.52 11.17 11.98
C ILE B 397 35.87 10.90 13.44
NA NA C . 11.32 1.28 -3.66
N1 PLT D . 14.73 12.31 -0.55
C2 PLT D . 14.32 12.67 0.65
C2A PLT D . 14.94 13.80 1.38
C3 PLT D . 13.25 11.95 1.23
O3 PLT D . 12.75 12.23 2.41
C4 PLT D . 12.73 10.86 0.52
C4A PLT D . 11.58 10.11 1.14
C5 PLT D . 13.18 10.53 -0.73
C6 PLT D . 14.22 11.27 -1.27
C5A PLT D . 12.62 9.35 -1.50
O4P PLT D . 11.22 9.54 -1.85
P PLT D . 10.65 9.55 -3.27
O1P PLT D . 9.23 9.60 -3.10
O2P PLT D . 11.07 8.18 -3.92
O3P PLT D . 11.09 10.71 -4.08
N PLT D . 10.54 10.72 1.82
CA PLT D . 9.38 10.03 2.38
C PLT D . 9.50 9.80 3.86
O PLT D . 9.22 10.79 4.68
OXT PLT D . 9.90 8.68 4.37
CB PLT D . 9.09 8.75 1.62
CG PLT D . 7.69 8.19 1.77
CD1 PLT D . 6.64 8.67 2.46
NE1 PLT D . 5.56 7.75 2.28
CE2 PLT D . 5.94 6.77 1.50
CZ2 PLT D . 5.23 5.71 1.06
CH2 PLT D . 5.86 4.78 0.25
CZ3 PLT D . 7.15 4.94 -0.13
CE3 PLT D . 7.91 6.06 0.30
CD2 PLT D . 7.27 6.98 1.14
#